data_3U1V
#
_entry.id   3U1V
#
_cell.length_a   97.750
_cell.length_b   100.764
_cell.length_c   188.225
_cell.angle_alpha   90.00
_cell.angle_beta   90.00
_cell.angle_gamma   90.00
#
_symmetry.space_group_name_H-M   'P 21 21 21'
#
loop_
_entity.id
_entity.type
_entity.pdbx_description
1 polymer 'De Novo design cysteine esterase FR29'
2 water water
#
_entity_poly.entity_id   1
_entity_poly.type   'polypeptide(L)'
_entity_poly.pdbx_seq_one_letter_code
;(MSE)KTIFSAICPTGVITIGRYIGALRQFVELQHEYNCYFCIADQSAITVWQDPHELRQNIRRLAALYLAVGIDPTQAT
LFIASEVPAHAQAAW(MSE)LQCIVYIGELER(MSE)TLFKELSAGKEAVSAGLLTHPPIYAA(MSE)ILLYNTDIVPVG
EYGKQLYELTRDLAERFNKRYGELFTIPEARIPKVGARI(MSE)SLVDPTKS(MSE)YQSDPNPKAYITLLDDAKTIEKK
IKSAVTDSEGTIRYDKEAKPGISNLLNIYSTLSGQSIEELERQYEGKGYGVFKADLAQVVIETLRPIQERYHHW(MSE)E
SEELDRVLDEGAEKANRVASE(MSE)VRK(MSE)EQA(MSE)GLGRRRGSLEHHHHHH
;
_entity_poly.pdbx_strand_id   A,B,C,D
#
# COMPACT_ATOMS: atom_id res chain seq x y z
N LYS A 2 -30.06 1.29 -2.32
CA LYS A 2 -28.60 1.30 -2.41
C LYS A 2 -28.15 0.81 -3.79
N THR A 3 -26.96 1.26 -4.22
CA THR A 3 -26.48 0.94 -5.54
C THR A 3 -25.44 -0.16 -5.45
N ILE A 4 -25.63 -1.20 -6.26
CA ILE A 4 -24.63 -2.26 -6.40
C ILE A 4 -24.00 -2.14 -7.77
N PHE A 5 -22.68 -2.21 -7.84
CA PHE A 5 -21.98 -2.17 -9.11
C PHE A 5 -21.17 -3.45 -9.35
N SER A 6 -21.48 -4.13 -10.45
CA SER A 6 -20.80 -5.37 -10.81
C SER A 6 -20.03 -5.30 -12.14
N ALA A 7 -18.73 -5.53 -12.10
CA ALA A 7 -17.89 -5.49 -13.30
C ALA A 7 -17.57 -6.88 -13.84
N ILE A 8 -17.91 -7.11 -15.10
CA ILE A 8 -17.73 -8.41 -15.72
C ILE A 8 -16.71 -8.29 -16.84
N CYS A 9 -15.62 -9.03 -16.73
CA CYS A 9 -14.62 -9.06 -17.80
C CYS A 9 -15.20 -9.88 -18.94
N PRO A 10 -15.21 -9.33 -20.16
CA PRO A 10 -15.85 -10.03 -21.28
C PRO A 10 -14.94 -11.09 -21.85
N THR A 11 -14.16 -11.74 -20.99
CA THR A 11 -13.21 -12.76 -21.39
C THR A 11 -13.60 -14.08 -20.74
N GLY A 12 -13.50 -15.18 -21.48
CA GLY A 12 -13.72 -16.50 -20.90
C GLY A 12 -15.15 -17.02 -20.94
N VAL A 13 -15.50 -17.88 -19.97
CA VAL A 13 -16.82 -18.49 -19.89
C VAL A 13 -17.42 -18.38 -18.49
N ILE A 14 -18.73 -18.67 -18.41
CA ILE A 14 -19.46 -18.68 -17.15
C ILE A 14 -19.71 -20.11 -16.65
N THR A 15 -19.02 -20.54 -15.60
CA THR A 15 -19.29 -21.88 -15.00
C THR A 15 -20.54 -21.84 -14.11
N ILE A 16 -21.22 -22.99 -13.94
CA ILE A 16 -22.42 -23.00 -13.10
C ILE A 16 -22.04 -22.68 -11.68
N GLY A 17 -20.75 -22.81 -11.39
CA GLY A 17 -20.23 -22.38 -10.11
C GLY A 17 -20.32 -20.88 -9.96
N ARG A 18 -20.20 -20.13 -11.06
CA ARG A 18 -20.36 -18.68 -11.03
C ARG A 18 -21.83 -18.32 -11.21
N TYR A 19 -22.58 -19.19 -11.88
CA TYR A 19 -24.01 -18.96 -12.00
C TYR A 19 -24.74 -19.19 -10.67
N ILE A 20 -24.14 -19.99 -9.78
CA ILE A 20 -24.86 -20.47 -8.59
C ILE A 20 -24.48 -19.69 -7.35
N GLY A 21 -23.23 -19.25 -7.27
CA GLY A 21 -22.73 -18.55 -6.10
C GLY A 21 -22.59 -17.06 -6.29
N ALA A 22 -23.08 -16.56 -7.42
CA ALA A 22 -22.91 -15.15 -7.76
C ALA A 22 -23.99 -14.65 -8.71
N LEU A 23 -23.87 -14.99 -9.98
CA LEU A 23 -24.76 -14.46 -11.00
C LEU A 23 -26.26 -14.67 -10.76
N ARG A 24 -26.68 -15.83 -10.28
CA ARG A 24 -28.11 -16.07 -10.23
C ARG A 24 -28.77 -15.26 -9.14
N GLN A 25 -28.03 -14.96 -8.08
CA GLN A 25 -28.49 -14.07 -7.02
C GLN A 25 -29.10 -12.79 -7.59
N PHE A 26 -28.34 -12.14 -8.46
CA PHE A 26 -28.74 -10.85 -9.00
C PHE A 26 -30.08 -10.83 -9.71
N VAL A 27 -30.54 -11.99 -10.18
CA VAL A 27 -31.83 -11.96 -10.83
C VAL A 27 -32.91 -11.49 -9.85
N GLU A 28 -32.62 -11.64 -8.56
CA GLU A 28 -33.52 -11.10 -7.54
C GLU A 28 -33.02 -9.74 -7.06
N LEU A 29 -31.73 -9.68 -6.73
CA LEU A 29 -31.10 -8.46 -6.25
C LEU A 29 -31.42 -7.18 -7.05
N GLN A 30 -31.54 -7.32 -8.36
CA GLN A 30 -31.87 -6.19 -9.21
C GLN A 30 -33.17 -5.52 -8.78
N HIS A 31 -33.94 -6.21 -7.94
CA HIS A 31 -35.23 -5.70 -7.50
C HIS A 31 -35.17 -5.08 -6.11
N GLU A 32 -34.02 -5.20 -5.47
CA GLU A 32 -33.87 -4.69 -4.11
C GLU A 32 -32.77 -3.63 -4.08
N TYR A 33 -32.05 -3.51 -5.19
CA TYR A 33 -30.94 -2.56 -5.30
C TYR A 33 -30.93 -1.90 -6.66
N ASN A 34 -30.26 -0.75 -6.73
CA ASN A 34 -29.89 -0.16 -7.99
C ASN A 34 -28.67 -0.91 -8.53
N CYS A 35 -28.84 -1.69 -9.57
CA CYS A 35 -27.75 -2.57 -9.99
C CYS A 35 -27.12 -2.18 -11.31
N TYR A 36 -25.79 -2.07 -11.29
CA TYR A 36 -25.04 -1.89 -12.54
C TYR A 36 -24.32 -3.16 -12.96
N PHE A 37 -24.57 -3.59 -14.17
CA PHE A 37 -23.83 -4.70 -14.74
C PHE A 37 -23.00 -4.19 -15.90
N CYS A 38 -21.72 -3.98 -15.66
CA CYS A 38 -20.84 -3.34 -16.64
C CYS A 38 -19.84 -4.30 -17.27
N ILE A 39 -19.89 -4.41 -18.59
CA ILE A 39 -18.95 -5.26 -19.33
C ILE A 39 -17.57 -4.59 -19.53
N ALA A 40 -16.59 -4.99 -18.74
CA ALA A 40 -15.32 -4.30 -18.71
C ALA A 40 -14.41 -4.63 -19.89
N ASP A 41 -14.91 -4.49 -21.12
CA ASP A 41 -14.01 -4.53 -22.27
C ASP A 41 -12.67 -3.84 -22.00
N GLN A 42 -12.69 -2.60 -21.50
CA GLN A 42 -11.43 -1.87 -21.25
C GLN A 42 -10.40 -2.59 -20.38
N SER A 43 -10.86 -3.39 -19.43
CA SER A 43 -9.95 -4.15 -18.58
C SER A 43 -9.38 -5.38 -19.33
N ALA A 44 -10.12 -5.87 -20.32
CA ALA A 44 -9.66 -6.99 -21.14
C ALA A 44 -8.37 -6.73 -21.93
N ILE A 45 -8.22 -5.53 -22.48
CA ILE A 45 -7.10 -5.28 -23.39
C ILE A 45 -5.76 -5.01 -22.72
N THR A 46 -5.70 -5.24 -21.41
CA THR A 46 -4.45 -5.05 -20.68
C THR A 46 -3.53 -6.22 -20.98
N VAL A 47 -4.09 -7.29 -21.55
CA VAL A 47 -3.30 -8.36 -22.14
C VAL A 47 -3.75 -8.47 -23.57
N TRP A 48 -3.01 -9.20 -24.40
CA TRP A 48 -3.42 -9.35 -25.78
C TRP A 48 -4.81 -9.97 -25.89
N GLN A 49 -5.61 -9.45 -26.83
CA GLN A 49 -6.94 -9.97 -27.14
C GLN A 49 -7.17 -9.94 -28.65
N ASP A 50 -7.60 -11.04 -29.22
CA ASP A 50 -7.83 -11.04 -30.66
C ASP A 50 -9.03 -10.17 -30.92
N PRO A 51 -8.84 -9.11 -31.69
CA PRO A 51 -9.92 -8.13 -31.81
C PRO A 51 -11.22 -8.77 -32.24
N HIS A 52 -11.16 -9.68 -33.19
CA HIS A 52 -12.42 -10.27 -33.61
C HIS A 52 -13.08 -11.09 -32.50
N GLU A 53 -12.29 -11.85 -31.76
CA GLU A 53 -12.84 -12.62 -30.65
C GLU A 53 -13.38 -11.74 -29.53
N LEU A 54 -12.64 -10.70 -29.18
CA LEU A 54 -13.04 -9.80 -28.12
C LEU A 54 -14.37 -9.17 -28.43
N ARG A 55 -14.56 -8.75 -29.67
CA ARG A 55 -15.78 -8.04 -29.99
C ARG A 55 -16.94 -8.99 -29.94
N GLN A 56 -16.68 -10.25 -30.27
CA GLN A 56 -17.71 -11.27 -30.27
C GLN A 56 -18.14 -11.48 -28.83
N ASN A 57 -17.16 -11.71 -27.97
CA ASN A 57 -17.39 -11.97 -26.56
C ASN A 57 -18.18 -10.91 -25.80
N ILE A 58 -17.80 -9.66 -26.00
CA ILE A 58 -18.53 -8.58 -25.39
C ILE A 58 -20.01 -8.78 -25.63
N ARG A 59 -20.35 -9.18 -26.84
CA ARG A 59 -21.76 -9.33 -27.21
C ARG A 59 -22.40 -10.59 -26.58
N ARG A 60 -21.71 -11.73 -26.62
CA ARG A 60 -22.21 -12.98 -26.02
C ARG A 60 -22.58 -12.74 -24.58
N LEU A 61 -21.61 -12.28 -23.82
CA LEU A 61 -21.79 -12.01 -22.40
C LEU A 61 -23.07 -11.21 -22.15
N ALA A 62 -23.23 -10.12 -22.90
CA ALA A 62 -24.41 -9.28 -22.77
C ALA A 62 -25.68 -10.10 -22.98
N ALA A 63 -25.66 -11.00 -23.97
CA ALA A 63 -26.82 -11.84 -24.23
C ALA A 63 -27.10 -12.79 -23.08
N LEU A 64 -26.03 -13.37 -22.56
CA LEU A 64 -26.15 -14.31 -21.47
C LEU A 64 -26.72 -13.63 -20.21
N TYR A 65 -26.15 -12.49 -19.84
CA TYR A 65 -26.65 -11.74 -18.70
C TYR A 65 -28.14 -11.46 -18.84
N LEU A 66 -28.59 -11.16 -20.05
CA LEU A 66 -30.01 -10.97 -20.29
C LEU A 66 -30.78 -12.30 -20.26
N ALA A 67 -30.21 -13.35 -20.82
CA ALA A 67 -30.92 -14.64 -20.86
C ALA A 67 -31.12 -15.15 -19.45
N VAL A 68 -30.10 -14.96 -18.62
CA VAL A 68 -30.10 -15.44 -17.24
C VAL A 68 -31.19 -14.79 -16.39
N GLY A 69 -31.55 -13.55 -16.70
CA GLY A 69 -32.65 -12.92 -16.00
C GLY A 69 -32.48 -11.47 -15.62
N ILE A 70 -31.36 -10.86 -15.97
CA ILE A 70 -31.14 -9.45 -15.70
C ILE A 70 -32.10 -8.62 -16.53
N ASP A 71 -32.79 -7.70 -15.86
CA ASP A 71 -33.88 -6.92 -16.43
C ASP A 71 -33.51 -5.46 -16.75
N PRO A 72 -33.25 -5.16 -18.03
CA PRO A 72 -32.73 -3.85 -18.43
C PRO A 72 -33.69 -2.68 -18.18
N THR A 73 -34.91 -2.95 -17.72
CA THR A 73 -35.79 -1.88 -17.24
C THR A 73 -35.55 -1.59 -15.76
N GLN A 74 -34.81 -2.46 -15.07
CA GLN A 74 -34.61 -2.31 -13.63
C GLN A 74 -33.12 -2.29 -13.31
N ALA A 75 -32.31 -2.51 -14.32
CA ALA A 75 -30.88 -2.57 -14.08
C ALA A 75 -30.21 -1.85 -15.22
N THR A 76 -28.93 -1.57 -15.08
CA THR A 76 -28.23 -0.90 -16.16
C THR A 76 -27.13 -1.81 -16.67
N LEU A 77 -27.25 -2.21 -17.92
CA LEU A 77 -26.30 -3.14 -18.54
C LEU A 77 -25.66 -2.42 -19.70
N PHE A 78 -24.33 -2.32 -19.67
CA PHE A 78 -23.59 -1.43 -20.56
C PHE A 78 -22.13 -1.83 -20.74
N ILE A 79 -21.54 -1.44 -21.87
CA ILE A 79 -20.12 -1.67 -22.11
C ILE A 79 -19.24 -0.48 -21.68
N ALA A 80 -18.24 -0.73 -20.85
CA ALA A 80 -17.43 0.33 -20.25
C ALA A 80 -16.95 1.31 -21.28
N SER A 81 -16.42 0.79 -22.38
CA SER A 81 -15.74 1.63 -23.34
C SER A 81 -16.72 2.64 -23.94
N GLU A 82 -18.01 2.35 -23.82
CA GLU A 82 -19.03 3.28 -24.31
C GLU A 82 -19.31 4.41 -23.33
N VAL A 83 -18.63 4.42 -22.19
CA VAL A 83 -18.72 5.52 -21.26
C VAL A 83 -17.34 6.16 -21.05
N PRO A 84 -16.99 7.12 -21.91
CA PRO A 84 -15.71 7.82 -21.95
C PRO A 84 -15.27 8.29 -20.56
N ALA A 85 -16.26 8.61 -19.72
CA ALA A 85 -15.99 8.97 -18.32
C ALA A 85 -15.05 7.98 -17.60
N HIS A 86 -15.21 6.67 -17.83
CA HIS A 86 -14.40 5.69 -17.14
C HIS A 86 -12.89 5.93 -17.30
N ALA A 87 -12.45 6.17 -18.54
CA ALA A 87 -11.06 6.58 -18.81
C ALA A 87 -10.76 7.97 -18.26
N GLN A 88 -11.74 8.87 -18.29
CA GLN A 88 -11.53 10.21 -17.71
C GLN A 88 -11.18 10.13 -16.24
N ALA A 89 -11.94 9.33 -15.50
CA ALA A 89 -11.81 9.27 -14.06
C ALA A 89 -10.60 8.45 -13.64
N ALA A 90 -10.32 7.39 -14.39
CA ALA A 90 -9.15 6.55 -14.12
C ALA A 90 -7.85 7.35 -14.22
N TRP A 91 -7.84 8.39 -15.06
CA TRP A 91 -6.64 9.23 -15.12
C TRP A 91 -6.49 10.12 -13.88
N LEU A 93 -7.72 9.53 -10.90
CA LEU A 93 -7.30 8.52 -9.92
C LEU A 93 -5.88 8.01 -10.13
N GLN A 94 -5.45 7.87 -11.38
CA GLN A 94 -4.08 7.46 -11.57
C GLN A 94 -3.12 8.51 -11.00
N CYS A 95 -3.58 9.76 -10.88
CA CYS A 95 -2.73 10.83 -10.36
C CYS A 95 -2.77 10.93 -8.85
N ILE A 96 -3.66 10.15 -8.24
CA ILE A 96 -3.84 10.13 -6.78
C ILE A 96 -3.06 8.97 -6.16
N VAL A 97 -3.08 7.83 -6.83
CA VAL A 97 -2.44 6.63 -6.31
C VAL A 97 -0.90 6.71 -6.40
N TYR A 98 -0.21 6.15 -5.42
CA TYR A 98 1.25 6.10 -5.43
C TYR A 98 1.70 4.90 -6.24
N ILE A 99 2.94 4.92 -6.73
CA ILE A 99 3.43 3.83 -7.57
C ILE A 99 3.53 2.55 -6.75
N GLY A 100 4.03 2.68 -5.52
CA GLY A 100 4.16 1.54 -4.63
C GLY A 100 2.86 0.78 -4.48
N GLU A 101 1.78 1.50 -4.21
CA GLU A 101 0.47 0.91 -4.07
C GLU A 101 0.11 -0.06 -5.20
N LEU A 102 0.39 0.34 -6.44
CA LEU A 102 0.14 -0.52 -7.60
C LEU A 102 1.19 -1.63 -7.70
N GLU A 103 2.44 -1.28 -7.42
CA GLU A 103 3.56 -2.21 -7.54
C GLU A 103 3.44 -3.42 -6.61
N ARG A 104 2.81 -3.24 -5.46
CA ARG A 104 2.61 -4.36 -4.54
C ARG A 104 1.21 -4.96 -4.62
N THR A 106 -0.86 -7.82 -5.58
CA THR A 106 -0.48 -9.21 -5.76
C THR A 106 -0.63 -9.62 -7.21
N LEU A 107 -1.80 -9.40 -7.78
CA LEU A 107 -2.07 -9.88 -9.14
C LEU A 107 -1.07 -9.35 -10.16
N PHE A 108 -0.72 -8.08 -10.06
CA PHE A 108 0.36 -7.55 -10.88
C PHE A 108 1.66 -8.34 -10.66
N LYS A 109 2.08 -8.47 -9.39
CA LYS A 109 3.28 -9.25 -9.05
C LYS A 109 3.26 -10.68 -9.65
N GLU A 110 2.09 -11.30 -9.66
CA GLU A 110 1.98 -12.63 -10.26
C GLU A 110 2.30 -12.54 -11.76
N LEU A 111 1.36 -12.07 -12.56
CA LEU A 111 1.53 -12.16 -14.03
C LEU A 111 2.59 -11.21 -14.62
N SER A 112 3.29 -10.48 -13.78
CA SER A 112 4.38 -9.66 -14.23
C SER A 112 5.69 -10.40 -14.03
N ALA A 113 6.01 -10.65 -12.76
CA ALA A 113 7.29 -11.20 -12.36
C ALA A 113 7.76 -12.39 -13.20
N GLY A 114 9.08 -12.52 -13.32
CA GLY A 114 9.65 -13.47 -14.24
C GLY A 114 9.84 -12.81 -15.58
N LYS A 115 8.74 -12.57 -16.28
CA LYS A 115 8.78 -11.93 -17.60
C LYS A 115 9.50 -10.58 -17.56
N GLU A 116 10.08 -10.22 -18.70
CA GLU A 116 10.99 -9.07 -18.83
C GLU A 116 10.33 -7.83 -19.44
N ALA A 117 9.33 -8.06 -20.28
CA ALA A 117 8.55 -6.98 -20.88
C ALA A 117 7.07 -7.16 -20.56
N VAL A 118 6.50 -6.22 -19.82
CA VAL A 118 5.08 -6.29 -19.48
C VAL A 118 4.41 -4.94 -19.73
N SER A 119 3.19 -4.99 -20.29
CA SER A 119 2.43 -3.78 -20.58
C SER A 119 2.08 -3.03 -19.29
N ALA A 120 2.05 -1.71 -19.33
CA ALA A 120 1.70 -0.91 -18.15
C ALA A 120 0.22 -1.07 -17.80
N GLY A 121 -0.48 -1.93 -18.54
CA GLY A 121 -1.88 -2.17 -18.27
C GLY A 121 -2.04 -2.90 -16.96
N LEU A 122 -1.44 -4.09 -16.88
CA LEU A 122 -1.47 -4.88 -15.64
C LEU A 122 -1.13 -4.07 -14.39
N LEU A 123 -0.31 -3.03 -14.55
CA LEU A 123 0.18 -2.27 -13.40
C LEU A 123 -0.75 -1.15 -12.99
N THR A 124 -1.54 -0.67 -13.95
CA THR A 124 -2.34 0.52 -13.71
C THR A 124 -3.81 0.27 -13.88
N HIS A 125 -4.19 -1.00 -14.02
CA HIS A 125 -5.61 -1.32 -14.15
C HIS A 125 -6.45 -0.87 -12.95
N PRO A 126 -5.92 -1.02 -11.72
CA PRO A 126 -6.74 -0.69 -10.55
C PRO A 126 -7.44 0.66 -10.63
N PRO A 127 -6.69 1.75 -10.89
CA PRO A 127 -7.41 3.02 -11.00
C PRO A 127 -8.58 2.92 -11.95
N ILE A 128 -8.40 2.18 -13.05
CA ILE A 128 -9.49 1.94 -14.01
C ILE A 128 -10.65 1.24 -13.35
N TYR A 129 -10.34 0.23 -12.54
CA TYR A 129 -11.37 -0.51 -11.80
C TYR A 129 -12.05 0.37 -10.75
N ALA A 130 -11.24 0.99 -9.90
CA ALA A 130 -11.74 1.90 -8.86
C ALA A 130 -12.56 3.03 -9.44
N ALA A 131 -12.21 3.49 -10.64
CA ALA A 131 -12.99 4.55 -11.27
C ALA A 131 -14.36 4.02 -11.69
N ILE A 133 -16.14 1.92 -10.11
CA ILE A 133 -16.97 1.80 -8.93
C ILE A 133 -17.41 3.15 -8.39
N LEU A 134 -16.44 4.01 -8.11
CA LEU A 134 -16.67 5.32 -7.49
C LEU A 134 -17.51 6.29 -8.29
N LEU A 135 -17.39 6.22 -9.62
CA LEU A 135 -18.17 7.08 -10.52
C LEU A 135 -19.69 7.03 -10.28
N TYR A 136 -20.20 5.90 -9.83
CA TYR A 136 -21.66 5.82 -9.71
C TYR A 136 -22.20 5.96 -8.28
N ASN A 137 -21.33 6.31 -7.33
CA ASN A 137 -21.66 6.37 -5.90
C ASN A 137 -22.13 5.01 -5.44
N THR A 138 -21.17 4.09 -5.38
CA THR A 138 -21.46 2.70 -5.22
C THR A 138 -21.38 2.31 -3.77
N ASP A 139 -22.54 1.99 -3.21
CA ASP A 139 -22.68 1.63 -1.82
C ASP A 139 -22.05 0.27 -1.53
N ILE A 140 -22.24 -0.64 -2.48
CA ILE A 140 -21.94 -2.06 -2.30
C ILE A 140 -21.26 -2.71 -3.50
N VAL A 141 -20.15 -3.39 -3.24
CA VAL A 141 -19.40 -4.07 -4.29
C VAL A 141 -19.17 -5.58 -4.02
N PRO A 142 -19.41 -6.43 -5.03
CA PRO A 142 -19.04 -7.85 -5.02
C PRO A 142 -17.54 -8.03 -4.91
N VAL A 143 -17.07 -8.81 -3.95
CA VAL A 143 -15.65 -9.03 -3.79
C VAL A 143 -15.26 -10.49 -4.03
N GLY A 144 -15.74 -11.38 -3.20
CA GLY A 144 -15.45 -12.79 -3.41
C GLY A 144 -13.96 -13.10 -3.23
N GLU A 145 -13.49 -14.10 -3.98
CA GLU A 145 -12.21 -14.75 -3.67
C GLU A 145 -10.97 -13.85 -3.74
N TYR A 146 -10.51 -13.57 -4.96
CA TYR A 146 -9.26 -12.85 -5.15
C TYR A 146 -9.37 -11.34 -4.87
N GLY A 147 -10.48 -10.73 -5.27
CA GLY A 147 -10.64 -9.29 -5.23
C GLY A 147 -10.37 -8.48 -3.96
N LYS A 148 -9.89 -9.10 -2.91
CA LYS A 148 -9.70 -8.36 -1.67
C LYS A 148 -8.79 -7.15 -1.83
N GLN A 149 -7.63 -7.31 -2.45
CA GLN A 149 -6.72 -6.17 -2.55
C GLN A 149 -7.33 -5.01 -3.36
N LEU A 150 -7.94 -5.34 -4.49
CA LEU A 150 -8.62 -4.35 -5.31
C LEU A 150 -9.65 -3.57 -4.52
N TYR A 151 -10.57 -4.27 -3.85
CA TYR A 151 -11.57 -3.61 -3.04
C TYR A 151 -10.92 -2.57 -2.13
N GLU A 152 -9.94 -3.05 -1.35
CA GLU A 152 -9.26 -2.26 -0.34
C GLU A 152 -8.63 -0.98 -0.90
N LEU A 153 -8.11 -1.07 -2.13
CA LEU A 153 -7.48 0.08 -2.79
C LEU A 153 -8.52 1.09 -3.29
N THR A 154 -9.57 0.60 -3.95
CA THR A 154 -10.73 1.42 -4.30
C THR A 154 -11.29 2.18 -3.09
N ARG A 155 -11.30 1.53 -1.94
CA ARG A 155 -11.77 2.17 -0.73
C ARG A 155 -10.75 3.21 -0.23
N ASP A 156 -9.46 2.89 -0.29
CA ASP A 156 -8.44 3.87 0.08
C ASP A 156 -8.48 5.10 -0.82
N LEU A 157 -8.56 4.89 -2.14
CA LEU A 157 -8.56 6.01 -3.11
C LEU A 157 -9.76 6.93 -2.87
N ALA A 158 -10.93 6.32 -2.71
CA ALA A 158 -12.14 7.10 -2.49
C ALA A 158 -11.97 7.94 -1.23
N GLU A 159 -11.31 7.37 -0.23
CA GLU A 159 -11.01 8.11 0.99
C GLU A 159 -10.02 9.24 0.66
N ARG A 160 -8.86 8.87 0.14
CA ARG A 160 -7.78 9.83 -0.15
C ARG A 160 -8.20 11.03 -0.99
N PHE A 161 -8.96 10.81 -2.06
CA PHE A 161 -9.52 11.93 -2.81
C PHE A 161 -10.52 12.73 -2.00
N ASN A 162 -11.14 12.11 -1.01
CA ASN A 162 -12.13 12.78 -0.18
C ASN A 162 -11.48 13.69 0.87
N LYS A 163 -10.38 13.24 1.45
CA LYS A 163 -9.65 14.01 2.46
C LYS A 163 -8.92 15.20 1.82
N ARG A 164 -8.63 15.10 0.54
CA ARG A 164 -8.01 16.20 -0.18
C ARG A 164 -9.10 17.12 -0.72
N TYR A 165 -9.34 17.04 -2.02
CA TYR A 165 -10.31 17.90 -2.71
C TYR A 165 -11.75 17.92 -2.16
N GLY A 166 -11.96 17.31 -0.99
CA GLY A 166 -13.28 17.29 -0.38
C GLY A 166 -14.03 15.97 -0.50
N GLU A 167 -15.14 15.84 0.24
CA GLU A 167 -15.92 14.60 0.23
C GLU A 167 -16.92 14.53 -0.92
N LEU A 168 -16.76 13.51 -1.77
CA LEU A 168 -17.50 13.41 -3.02
C LEU A 168 -17.84 11.97 -3.36
N PHE A 169 -16.95 11.06 -2.93
CA PHE A 169 -17.07 9.63 -3.24
C PHE A 169 -17.73 8.88 -2.09
N THR A 170 -18.73 8.06 -2.39
CA THR A 170 -19.21 7.09 -1.41
C THR A 170 -18.16 6.01 -1.20
N ILE A 171 -17.92 5.66 0.06
CA ILE A 171 -17.05 4.53 0.34
C ILE A 171 -17.82 3.22 0.22
N PRO A 172 -17.51 2.43 -0.81
CA PRO A 172 -18.23 1.18 -1.05
C PRO A 172 -17.98 0.15 0.07
N GLU A 173 -18.97 -0.70 0.34
CA GLU A 173 -18.79 -1.81 1.28
C GLU A 173 -18.85 -3.15 0.56
N ALA A 174 -17.90 -4.02 0.90
CA ALA A 174 -17.84 -5.37 0.34
C ALA A 174 -19.11 -6.16 0.66
N ARG A 175 -19.58 -6.92 -0.33
CA ARG A 175 -20.76 -7.74 -0.10
C ARG A 175 -20.46 -9.14 0.44
N ILE A 176 -21.29 -9.52 1.40
CA ILE A 176 -21.28 -10.80 2.08
C ILE A 176 -21.76 -11.95 1.19
N PRO A 177 -20.82 -12.78 0.70
CA PRO A 177 -21.30 -13.98 -0.01
C PRO A 177 -22.27 -14.80 0.85
N LYS A 178 -23.38 -15.26 0.24
CA LYS A 178 -24.45 -15.94 0.97
C LYS A 178 -24.00 -17.25 1.63
N VAL A 179 -24.84 -17.77 2.53
CA VAL A 179 -24.60 -19.05 3.18
C VAL A 179 -24.59 -20.17 2.14
N GLY A 180 -23.55 -21.01 2.19
CA GLY A 180 -23.34 -22.04 1.19
C GLY A 180 -21.85 -22.26 0.97
N ALA A 181 -21.52 -23.31 0.23
CA ALA A 181 -20.12 -23.57 -0.05
C ALA A 181 -19.82 -23.21 -1.50
N ARG A 182 -18.55 -23.34 -1.88
CA ARG A 182 -18.19 -23.22 -3.28
C ARG A 182 -18.66 -24.45 -4.06
N ILE A 183 -18.89 -24.27 -5.35
CA ILE A 183 -19.09 -25.40 -6.23
C ILE A 183 -17.70 -25.88 -6.65
N SER A 185 -14.66 -28.56 -8.34
CA SER A 185 -14.33 -29.13 -9.64
C SER A 185 -14.82 -30.56 -9.72
N LEU A 186 -15.44 -30.90 -10.84
CA LEU A 186 -15.93 -32.26 -11.06
C LEU A 186 -14.84 -33.32 -11.17
N VAL A 187 -13.60 -32.95 -11.47
CA VAL A 187 -12.49 -33.93 -11.46
C VAL A 187 -11.48 -33.77 -10.33
N ASP A 188 -11.74 -32.87 -9.39
CA ASP A 188 -11.01 -32.85 -8.12
C ASP A 188 -11.78 -32.00 -7.09
N PRO A 189 -12.78 -32.61 -6.45
CA PRO A 189 -13.72 -31.95 -5.54
C PRO A 189 -13.01 -31.43 -4.29
N THR A 190 -11.70 -31.47 -4.30
CA THR A 190 -10.92 -30.87 -3.23
C THR A 190 -10.61 -29.42 -3.61
N LYS A 191 -10.92 -29.06 -4.85
CA LYS A 191 -10.66 -27.71 -5.37
C LYS A 191 -11.91 -27.04 -5.96
N SER A 192 -12.02 -25.73 -5.79
CA SER A 192 -13.15 -24.99 -6.36
C SER A 192 -13.19 -25.11 -7.88
N TYR A 194 -13.14 -23.72 -11.25
CA TYR A 194 -12.64 -22.50 -11.88
C TYR A 194 -12.70 -22.65 -13.38
N GLN A 195 -12.92 -21.57 -14.11
CA GLN A 195 -12.98 -21.70 -15.57
C GLN A 195 -11.58 -21.75 -16.17
N SER A 196 -10.60 -21.38 -15.36
CA SER A 196 -9.21 -21.37 -15.76
C SER A 196 -8.54 -22.69 -15.40
N ASP A 197 -9.35 -23.74 -15.35
CA ASP A 197 -8.85 -25.08 -15.06
C ASP A 197 -8.39 -25.71 -16.38
N PRO A 198 -7.15 -26.22 -16.37
CA PRO A 198 -6.47 -26.93 -17.46
C PRO A 198 -7.39 -27.96 -18.10
N ASN A 199 -8.09 -28.68 -17.23
CA ASN A 199 -8.95 -29.80 -17.60
C ASN A 199 -10.39 -29.33 -17.77
N PRO A 200 -10.88 -29.34 -19.01
CA PRO A 200 -12.26 -28.89 -19.28
C PRO A 200 -13.33 -29.80 -18.66
N LYS A 201 -12.92 -30.93 -18.10
CA LYS A 201 -13.86 -31.85 -17.45
C LYS A 201 -14.31 -31.34 -16.08
N ALA A 202 -13.54 -30.42 -15.50
CA ALA A 202 -13.77 -29.93 -14.14
C ALA A 202 -14.93 -28.94 -13.99
N TYR A 203 -15.20 -28.17 -15.04
CA TYR A 203 -16.26 -27.16 -15.00
C TYR A 203 -17.37 -27.40 -16.03
N ILE A 204 -18.57 -26.93 -15.70
CA ILE A 204 -19.66 -26.90 -16.68
C ILE A 204 -20.03 -25.46 -17.00
N THR A 205 -20.24 -25.21 -18.27
CA THR A 205 -20.47 -23.88 -18.77
C THR A 205 -21.95 -23.68 -19.08
N LEU A 206 -22.48 -22.50 -18.77
CA LEU A 206 -23.86 -22.17 -19.05
C LEU A 206 -24.25 -22.44 -20.49
N LEU A 207 -23.28 -22.51 -21.40
CA LEU A 207 -23.58 -22.70 -22.82
C LEU A 207 -23.43 -24.14 -23.33
N ASP A 208 -23.03 -25.05 -22.45
CA ASP A 208 -22.83 -26.45 -22.78
C ASP A 208 -24.10 -27.14 -23.30
N ASP A 209 -23.91 -28.09 -24.22
CA ASP A 209 -25.02 -28.82 -24.80
C ASP A 209 -25.30 -30.08 -24.00
N ALA A 210 -26.46 -30.69 -24.23
CA ALA A 210 -26.90 -31.84 -23.44
C ALA A 210 -25.82 -32.90 -23.30
N LYS A 211 -25.19 -33.25 -24.41
CA LYS A 211 -24.24 -34.37 -24.45
C LYS A 211 -23.05 -34.16 -23.51
N THR A 212 -22.52 -32.95 -23.50
CA THR A 212 -21.39 -32.57 -22.68
C THR A 212 -21.74 -32.56 -21.20
N ILE A 213 -22.89 -31.97 -20.86
CA ILE A 213 -23.36 -31.95 -19.48
C ILE A 213 -23.45 -33.39 -18.96
N GLU A 214 -23.99 -34.30 -19.77
CA GLU A 214 -23.96 -35.73 -19.48
C GLU A 214 -22.54 -36.24 -19.19
N LYS A 215 -21.64 -36.14 -20.18
CA LYS A 215 -20.29 -36.67 -20.00
C LYS A 215 -19.66 -36.13 -18.72
N LYS A 216 -19.61 -34.81 -18.62
CA LYS A 216 -18.94 -34.14 -17.50
C LYS A 216 -19.56 -34.49 -16.15
N ILE A 217 -20.87 -34.64 -16.13
CA ILE A 217 -21.55 -35.02 -14.89
C ILE A 217 -21.33 -36.50 -14.54
N LYS A 218 -21.46 -37.36 -15.55
CA LYS A 218 -21.24 -38.79 -15.35
C LYS A 218 -19.80 -39.12 -15.00
N SER A 219 -18.87 -38.34 -15.53
CA SER A 219 -17.44 -38.61 -15.34
C SER A 219 -16.92 -37.99 -14.03
N ALA A 220 -17.79 -37.33 -13.28
CA ALA A 220 -17.37 -36.66 -12.05
C ALA A 220 -16.91 -37.62 -10.95
N VAL A 221 -15.71 -37.39 -10.43
CA VAL A 221 -15.08 -38.27 -9.45
C VAL A 221 -15.88 -38.44 -8.17
N THR A 222 -16.24 -39.69 -7.86
CA THR A 222 -17.01 -39.99 -6.66
C THR A 222 -16.16 -40.60 -5.54
N ASP A 223 -16.62 -41.72 -5.00
CA ASP A 223 -15.85 -42.48 -4.02
C ASP A 223 -16.16 -43.96 -4.08
N SER A 224 -15.52 -44.73 -3.21
CA SER A 224 -15.56 -46.18 -3.26
C SER A 224 -16.78 -46.71 -2.51
N GLU A 225 -17.14 -46.05 -1.43
CA GLU A 225 -18.37 -46.37 -0.74
C GLU A 225 -19.50 -46.07 -1.72
N GLY A 226 -20.75 -46.40 -1.37
CA GLY A 226 -21.80 -46.29 -2.37
C GLY A 226 -23.07 -45.57 -1.96
N THR A 227 -22.95 -44.70 -0.95
CA THR A 227 -24.13 -44.00 -0.44
C THR A 227 -24.08 -42.53 -0.75
N ILE A 228 -25.22 -42.03 -1.21
CA ILE A 228 -25.44 -40.63 -1.47
C ILE A 228 -25.75 -39.94 -0.16
N ARG A 229 -24.72 -39.42 0.51
CA ARG A 229 -24.91 -38.72 1.76
C ARG A 229 -23.88 -37.62 1.85
N TYR A 230 -24.20 -36.53 2.55
CA TYR A 230 -23.32 -35.35 2.54
C TYR A 230 -22.23 -35.43 3.60
N ASP A 231 -21.00 -35.23 3.17
CA ASP A 231 -19.86 -35.21 4.06
C ASP A 231 -18.69 -34.63 3.28
N LYS A 232 -18.49 -33.33 3.41
CA LYS A 232 -17.48 -32.61 2.65
C LYS A 232 -16.10 -33.25 2.75
N GLU A 233 -15.74 -33.65 3.96
CA GLU A 233 -14.42 -34.19 4.25
C GLU A 233 -14.26 -35.58 3.62
N ALA A 234 -15.13 -36.49 4.04
CA ALA A 234 -15.02 -37.89 3.64
C ALA A 234 -15.50 -38.13 2.22
N LYS A 235 -16.58 -37.47 1.83
CA LYS A 235 -17.19 -37.68 0.52
C LYS A 235 -17.38 -36.33 -0.18
N PRO A 236 -16.27 -35.69 -0.56
CA PRO A 236 -16.28 -34.36 -1.18
C PRO A 236 -16.91 -34.29 -2.58
N GLY A 237 -16.64 -35.26 -3.42
CA GLY A 237 -17.14 -35.24 -4.77
C GLY A 237 -18.62 -35.46 -4.80
N ILE A 238 -19.07 -36.42 -4.00
CA ILE A 238 -20.48 -36.76 -3.91
C ILE A 238 -21.22 -35.69 -3.13
N SER A 239 -20.55 -35.08 -2.14
CA SER A 239 -21.14 -33.93 -1.44
C SER A 239 -21.37 -32.81 -2.42
N ASN A 240 -20.32 -32.46 -3.17
CA ASN A 240 -20.41 -31.40 -4.17
C ASN A 240 -21.53 -31.62 -5.19
N LEU A 241 -21.77 -32.87 -5.57
CA LEU A 241 -22.87 -33.14 -6.48
C LEU A 241 -24.23 -32.94 -5.82
N LEU A 242 -24.31 -33.26 -4.53
CA LEU A 242 -25.55 -33.05 -3.77
C LEU A 242 -25.77 -31.57 -3.70
N ASN A 243 -24.70 -30.84 -3.43
CA ASN A 243 -24.75 -29.39 -3.35
C ASN A 243 -25.31 -28.73 -4.63
N ILE A 244 -24.78 -29.11 -5.79
CA ILE A 244 -25.30 -28.62 -7.08
C ILE A 244 -26.78 -29.00 -7.29
N TYR A 245 -27.11 -30.27 -7.10
CA TYR A 245 -28.49 -30.77 -7.21
C TYR A 245 -29.42 -29.94 -6.32
N SER A 246 -29.00 -29.76 -5.07
CA SER A 246 -29.79 -29.02 -4.08
C SER A 246 -30.10 -27.58 -4.49
N THR A 247 -29.09 -26.84 -4.95
CA THR A 247 -29.30 -25.43 -5.32
C THR A 247 -30.11 -25.25 -6.59
N LEU A 248 -30.04 -26.22 -7.49
CA LEU A 248 -30.73 -26.09 -8.77
C LEU A 248 -32.15 -26.69 -8.74
N SER A 249 -32.44 -27.53 -7.75
CA SER A 249 -33.71 -28.24 -7.70
C SER A 249 -34.63 -27.61 -6.67
N GLY A 250 -34.03 -26.98 -5.68
CA GLY A 250 -34.84 -26.32 -4.69
C GLY A 250 -35.15 -27.26 -3.56
N GLN A 251 -34.64 -28.47 -3.65
CA GLN A 251 -34.77 -29.44 -2.56
C GLN A 251 -33.58 -29.40 -1.64
N SER A 252 -33.82 -29.61 -0.36
CA SER A 252 -32.73 -29.63 0.61
C SER A 252 -31.84 -30.85 0.36
N ILE A 253 -30.62 -30.76 0.88
CA ILE A 253 -29.70 -31.88 0.89
C ILE A 253 -30.25 -33.03 1.71
N GLU A 254 -30.90 -32.73 2.82
CA GLU A 254 -31.52 -33.80 3.61
C GLU A 254 -32.67 -34.43 2.85
N GLU A 255 -33.38 -33.67 2.03
CA GLU A 255 -34.43 -34.28 1.24
C GLU A 255 -33.81 -35.21 0.23
N LEU A 256 -32.70 -34.80 -0.38
CA LEU A 256 -32.03 -35.62 -1.38
C LEU A 256 -31.44 -36.93 -0.81
N GLU A 257 -30.80 -36.86 0.35
CA GLU A 257 -30.21 -38.02 0.99
C GLU A 257 -31.28 -39.10 1.14
N ARG A 258 -32.46 -38.71 1.59
CA ARG A 258 -33.57 -39.63 1.77
C ARG A 258 -34.17 -40.10 0.46
N GLN A 259 -34.10 -39.28 -0.57
CA GLN A 259 -34.75 -39.62 -1.83
C GLN A 259 -33.93 -40.70 -2.55
N TYR A 260 -32.64 -40.73 -2.25
CA TYR A 260 -31.72 -41.63 -2.92
C TYR A 260 -31.20 -42.67 -1.94
N GLU A 261 -31.98 -42.95 -0.90
CA GLU A 261 -31.65 -44.03 0.01
C GLU A 261 -31.66 -45.37 -0.71
N GLY A 262 -30.56 -46.11 -0.57
CA GLY A 262 -30.43 -47.40 -1.20
C GLY A 262 -30.37 -47.29 -2.72
N LYS A 263 -30.16 -46.07 -3.20
CA LYS A 263 -29.91 -45.87 -4.61
C LYS A 263 -28.43 -45.58 -4.80
N GLY A 264 -27.95 -45.62 -6.03
CA GLY A 264 -26.53 -45.50 -6.25
C GLY A 264 -26.17 -44.42 -7.25
N TYR A 265 -24.89 -44.03 -7.20
CA TYR A 265 -24.31 -42.99 -8.04
C TYR A 265 -24.83 -42.92 -9.49
N GLY A 266 -25.13 -44.07 -10.07
CA GLY A 266 -25.53 -44.10 -11.47
C GLY A 266 -26.77 -43.30 -11.82
N VAL A 267 -27.89 -43.62 -11.19
CA VAL A 267 -29.14 -42.92 -11.45
C VAL A 267 -29.06 -41.53 -10.85
N PHE A 268 -28.37 -41.42 -9.72
CA PHE A 268 -28.18 -40.12 -9.09
C PHE A 268 -27.46 -39.15 -10.01
N LYS A 269 -26.46 -39.62 -10.74
CA LYS A 269 -25.71 -38.77 -11.67
C LYS A 269 -26.49 -38.51 -12.93
N ALA A 270 -27.35 -39.44 -13.31
CA ALA A 270 -28.16 -39.25 -14.51
C ALA A 270 -29.29 -38.28 -14.20
N ASP A 271 -29.85 -38.40 -13.01
CA ASP A 271 -30.88 -37.46 -12.57
C ASP A 271 -30.28 -36.07 -12.46
N LEU A 272 -29.09 -35.98 -11.88
CA LEU A 272 -28.41 -34.71 -11.71
C LEU A 272 -28.20 -34.01 -13.05
N ALA A 273 -27.82 -34.79 -14.07
CA ALA A 273 -27.63 -34.25 -15.40
C ALA A 273 -28.92 -33.70 -16.03
N GLN A 274 -30.05 -34.32 -15.74
CA GLN A 274 -31.29 -33.81 -16.31
C GLN A 274 -31.59 -32.48 -15.68
N VAL A 275 -31.33 -32.37 -14.38
CA VAL A 275 -31.56 -31.14 -13.65
C VAL A 275 -30.75 -30.00 -14.22
N VAL A 276 -29.47 -30.25 -14.46
CA VAL A 276 -28.61 -29.21 -15.00
C VAL A 276 -29.06 -28.80 -16.41
N ILE A 277 -29.49 -29.78 -17.17
CA ILE A 277 -29.97 -29.54 -18.52
C ILE A 277 -31.24 -28.72 -18.48
N GLU A 278 -32.18 -29.13 -17.64
CA GLU A 278 -33.46 -28.46 -17.52
C GLU A 278 -33.27 -27.00 -17.15
N THR A 279 -32.22 -26.74 -16.39
CA THR A 279 -31.87 -25.40 -16.00
C THR A 279 -31.35 -24.59 -17.16
N LEU A 280 -30.42 -25.15 -17.93
CA LEU A 280 -29.81 -24.39 -19.02
C LEU A 280 -30.66 -24.33 -20.29
N ARG A 281 -31.72 -25.14 -20.38
CA ARG A 281 -32.55 -25.15 -21.59
C ARG A 281 -33.15 -23.77 -21.88
N PRO A 282 -33.93 -23.22 -20.92
CA PRO A 282 -34.50 -21.90 -21.16
C PRO A 282 -33.45 -20.78 -21.21
N ILE A 283 -32.38 -20.90 -20.45
CA ILE A 283 -31.34 -19.88 -20.48
C ILE A 283 -30.72 -19.80 -21.88
N GLN A 284 -30.51 -20.95 -22.51
CA GLN A 284 -29.89 -21.00 -23.82
C GLN A 284 -30.83 -20.57 -24.94
N GLU A 285 -32.09 -21.00 -24.87
CA GLU A 285 -33.07 -20.59 -25.87
C GLU A 285 -33.19 -19.06 -25.88
N ARG A 286 -33.25 -18.49 -24.68
CA ARG A 286 -33.37 -17.05 -24.53
C ARG A 286 -32.10 -16.40 -25.02
N TYR A 287 -30.97 -16.97 -24.65
CA TYR A 287 -29.66 -16.52 -25.11
C TYR A 287 -29.60 -16.37 -26.62
N HIS A 288 -29.97 -17.42 -27.35
CA HIS A 288 -29.97 -17.35 -28.80
C HIS A 288 -30.96 -16.33 -29.32
N HIS A 289 -32.07 -16.19 -28.63
CA HIS A 289 -33.05 -15.23 -29.09
C HIS A 289 -32.47 -13.83 -29.06
N TRP A 290 -31.70 -13.53 -28.01
CA TRP A 290 -31.11 -12.23 -27.83
C TRP A 290 -30.04 -11.94 -28.91
N GLU A 292 -30.09 -12.74 -31.81
CA GLU A 292 -30.72 -12.70 -33.12
C GLU A 292 -31.67 -11.51 -33.11
N SER A 293 -31.45 -10.59 -32.18
CA SER A 293 -32.33 -9.45 -32.08
C SER A 293 -31.58 -8.15 -32.01
N GLU A 294 -32.12 -7.15 -32.70
CA GLU A 294 -31.58 -5.80 -32.67
C GLU A 294 -31.94 -5.21 -31.33
N GLU A 295 -32.90 -5.85 -30.67
CA GLU A 295 -33.33 -5.45 -29.34
C GLU A 295 -32.12 -5.54 -28.40
N LEU A 296 -31.19 -6.44 -28.73
CA LEU A 296 -29.91 -6.52 -28.02
C LEU A 296 -29.11 -5.21 -28.10
N ASP A 297 -28.88 -4.72 -29.31
CA ASP A 297 -28.19 -3.44 -29.46
C ASP A 297 -29.01 -2.35 -28.78
N ARG A 298 -30.33 -2.42 -28.97
CA ARG A 298 -31.20 -1.40 -28.40
C ARG A 298 -31.01 -1.30 -26.89
N VAL A 299 -30.95 -2.46 -26.22
CA VAL A 299 -30.80 -2.51 -24.76
C VAL A 299 -29.45 -2.00 -24.23
N LEU A 300 -28.38 -2.30 -24.98
CA LEU A 300 -27.04 -1.82 -24.65
C LEU A 300 -26.91 -0.31 -24.91
N ASP A 301 -27.64 0.16 -25.93
CA ASP A 301 -27.69 1.60 -26.20
C ASP A 301 -28.30 2.34 -25.02
N GLU A 302 -29.51 1.93 -24.63
CA GLU A 302 -30.18 2.50 -23.46
C GLU A 302 -29.27 2.43 -22.25
N GLY A 303 -28.62 1.29 -22.09
CA GLY A 303 -27.68 1.09 -21.01
C GLY A 303 -26.66 2.22 -20.90
N ALA A 304 -25.92 2.45 -21.97
CA ALA A 304 -24.89 3.48 -22.00
C ALA A 304 -25.41 4.90 -21.76
N GLU A 305 -26.56 5.23 -22.35
CA GLU A 305 -27.17 6.55 -22.15
C GLU A 305 -27.43 6.82 -20.66
N LYS A 306 -27.85 5.80 -19.91
CA LYS A 306 -28.01 5.92 -18.46
C LYS A 306 -26.67 6.17 -17.79
N ALA A 307 -25.73 5.26 -17.98
CA ALA A 307 -24.42 5.37 -17.35
C ALA A 307 -23.71 6.68 -17.63
N ASN A 308 -23.65 7.08 -18.90
CA ASN A 308 -23.00 8.34 -19.26
C ASN A 308 -23.60 9.50 -18.48
N ARG A 309 -24.91 9.64 -18.59
CA ARG A 309 -25.63 10.64 -17.83
C ARG A 309 -25.15 10.61 -16.37
N VAL A 310 -25.13 9.46 -15.73
CA VAL A 310 -24.70 9.44 -14.34
C VAL A 310 -23.20 9.66 -14.12
N ALA A 311 -22.37 9.11 -14.99
CA ALA A 311 -20.92 9.15 -14.77
C ALA A 311 -20.25 10.44 -15.26
N SER A 312 -20.78 11.06 -16.30
CA SER A 312 -20.22 12.32 -16.75
C SER A 312 -20.36 13.41 -15.70
N GLU A 313 -21.54 13.52 -15.09
CA GLU A 313 -21.78 14.55 -14.09
C GLU A 313 -20.82 14.36 -12.92
N VAL A 315 -17.82 13.09 -13.42
CA VAL A 315 -16.55 13.55 -13.94
C VAL A 315 -16.48 15.09 -13.76
N ARG A 316 -17.57 15.77 -14.09
CA ARG A 316 -17.66 17.22 -13.91
C ARG A 316 -17.37 17.65 -12.45
N LYS A 317 -17.89 16.92 -11.47
CA LYS A 317 -17.63 17.23 -10.07
C LYS A 317 -16.15 17.05 -9.72
N GLU A 319 -13.58 17.29 -11.76
CA GLU A 319 -12.78 18.31 -12.43
C GLU A 319 -12.91 19.63 -11.68
N GLN A 320 -14.15 19.99 -11.36
CA GLN A 320 -14.45 21.21 -10.62
C GLN A 320 -13.89 21.18 -9.20
N ALA A 321 -13.11 20.16 -8.88
CA ALA A 321 -12.58 19.98 -7.53
C ALA A 321 -11.06 19.88 -7.52
N GLY A 323 -9.50 21.23 -10.23
CA GLY A 323 -9.22 22.46 -10.95
C GLY A 323 -8.89 22.31 -12.43
N LEU A 324 -9.27 21.18 -13.02
CA LEU A 324 -9.14 20.98 -14.45
C LEU A 324 -10.27 21.72 -15.16
N GLY A 325 -10.05 22.07 -16.43
CA GLY A 325 -11.08 22.70 -17.25
C GLY A 325 -11.57 24.07 -16.81
N ARG A 326 -12.85 24.32 -17.11
CA ARG A 326 -13.48 25.62 -16.86
C ARG A 326 -14.79 25.42 -16.08
N ARG A 327 -15.70 26.39 -16.22
CA ARG A 327 -17.06 26.28 -15.69
C ARG A 327 -17.06 26.45 -14.17
N LYS B 2 -4.73 3.02 41.40
CA LYS B 2 -4.88 2.57 40.03
C LYS B 2 -3.54 2.64 39.29
N THR B 3 -3.33 1.68 38.40
CA THR B 3 -2.11 1.57 37.62
C THR B 3 -2.27 2.29 36.31
N ILE B 4 -1.34 3.20 36.02
CA ILE B 4 -1.26 3.82 34.69
C ILE B 4 -0.01 3.30 34.01
N PHE B 5 -0.15 2.82 32.79
CA PHE B 5 1.01 2.35 32.03
C PHE B 5 1.39 3.31 30.91
N SER B 6 2.64 3.74 30.88
CA SER B 6 3.11 4.75 29.92
C SER B 6 4.31 4.30 29.05
N ALA B 7 4.08 4.22 27.74
CA ALA B 7 5.09 3.70 26.81
C ALA B 7 5.80 4.80 26.06
N ILE B 8 7.12 4.85 26.22
CA ILE B 8 7.92 5.87 25.57
C ILE B 8 8.81 5.29 24.45
N CYS B 9 8.76 5.88 23.26
CA CYS B 9 9.68 5.48 22.20
C CYS B 9 11.05 6.03 22.54
N PRO B 10 12.08 5.22 22.39
CA PRO B 10 13.43 5.62 22.77
C PRO B 10 14.08 6.27 21.56
N THR B 11 13.27 6.98 20.79
CA THR B 11 13.70 7.51 19.50
C THR B 11 13.38 9.00 19.39
N GLY B 12 14.41 9.83 19.55
CA GLY B 12 14.28 11.23 19.18
C GLY B 12 14.64 12.19 20.29
N VAL B 13 14.01 13.36 20.25
CA VAL B 13 14.19 14.37 21.30
C VAL B 13 12.91 14.63 22.07
N ILE B 14 13.07 14.99 23.34
CA ILE B 14 11.97 15.46 24.17
C ILE B 14 11.87 16.99 24.12
N THR B 15 10.93 17.53 23.35
CA THR B 15 10.74 18.99 23.28
C THR B 15 10.09 19.55 24.55
N ILE B 16 10.37 20.82 24.89
CA ILE B 16 9.67 21.45 26.03
C ILE B 16 8.15 21.37 25.84
N GLY B 17 7.72 21.22 24.59
CA GLY B 17 6.33 20.95 24.30
C GLY B 17 5.82 19.67 24.95
N ARG B 18 6.62 18.59 24.84
CA ARG B 18 6.25 17.29 25.42
C ARG B 18 6.38 17.33 26.95
N TYR B 19 7.44 17.97 27.44
CA TYR B 19 7.64 18.10 28.88
C TYR B 19 6.55 18.93 29.58
N ILE B 20 5.93 19.85 28.85
CA ILE B 20 4.94 20.73 29.44
C ILE B 20 3.55 20.11 29.34
N GLY B 21 3.24 19.48 28.22
CA GLY B 21 1.94 18.87 28.04
C GLY B 21 1.84 17.36 28.30
N ALA B 22 2.82 16.79 29.01
CA ALA B 22 2.80 15.35 29.28
C ALA B 22 3.73 14.91 30.40
N LEU B 23 5.01 14.94 30.11
CA LEU B 23 5.99 14.39 31.03
C LEU B 23 5.97 15.05 32.40
N ARG B 24 5.79 16.36 32.45
CA ARG B 24 5.90 17.04 33.74
C ARG B 24 4.86 16.54 34.75
N GLN B 25 3.61 16.46 34.30
CA GLN B 25 2.50 15.95 35.09
C GLN B 25 2.93 14.71 35.86
N PHE B 26 3.52 13.76 35.14
CA PHE B 26 3.81 12.47 35.72
C PHE B 26 4.72 12.57 36.93
N VAL B 27 5.27 13.74 37.20
CA VAL B 27 6.14 13.83 38.36
C VAL B 27 5.33 13.87 39.66
N GLU B 28 4.05 14.24 39.55
CA GLU B 28 3.12 14.08 40.68
C GLU B 28 2.20 12.88 40.47
N LEU B 29 1.74 12.70 39.24
CA LEU B 29 0.89 11.55 38.96
C LEU B 29 1.45 10.28 39.58
N GLN B 30 2.77 10.11 39.54
CA GLN B 30 3.39 8.92 40.13
C GLN B 30 3.02 8.76 41.60
N HIS B 31 2.67 9.87 42.24
CA HIS B 31 2.40 9.87 43.66
C HIS B 31 0.97 9.44 43.98
N GLU B 32 0.11 9.39 42.96
CA GLU B 32 -1.30 9.06 43.19
C GLU B 32 -1.83 7.98 42.25
N TYR B 33 -0.90 7.34 41.55
CA TYR B 33 -1.21 6.14 40.77
C TYR B 33 -0.01 5.21 40.82
N ASN B 34 -0.25 3.92 40.58
CA ASN B 34 0.85 3.00 40.34
C ASN B 34 1.25 3.13 38.88
N CYS B 35 2.50 3.48 38.65
CA CYS B 35 2.90 3.97 37.33
C CYS B 35 4.08 3.22 36.75
N TYR B 36 3.89 2.77 35.51
CA TYR B 36 4.96 2.15 34.73
C TYR B 36 5.46 3.10 33.64
N PHE B 37 6.76 3.37 33.64
CA PHE B 37 7.36 4.08 32.51
C PHE B 37 8.22 3.12 31.74
N CYS B 38 7.70 2.64 30.63
CA CYS B 38 8.40 1.62 29.87
C CYS B 38 8.99 2.18 28.61
N ILE B 39 10.30 2.09 28.47
CA ILE B 39 10.99 2.51 27.25
C ILE B 39 10.80 1.48 26.13
N ALA B 40 9.95 1.79 25.17
CA ALA B 40 9.55 0.84 24.16
C ALA B 40 10.59 0.67 23.05
N ASP B 41 11.84 0.35 23.41
CA ASP B 41 12.83 -0.04 22.42
C ASP B 41 12.29 -1.01 21.38
N GLN B 42 11.59 -2.06 21.80
CA GLN B 42 11.07 -3.03 20.82
C GLN B 42 10.10 -2.46 19.79
N SER B 43 9.52 -1.29 20.04
CA SER B 43 8.54 -0.74 19.12
C SER B 43 9.26 0.20 18.19
N ALA B 44 10.52 0.47 18.51
CA ALA B 44 11.37 1.34 17.71
C ALA B 44 12.00 0.66 16.50
N ILE B 45 12.03 -0.68 16.49
CA ILE B 45 12.73 -1.38 15.43
C ILE B 45 11.85 -1.78 14.26
N THR B 46 10.61 -1.27 14.27
CA THR B 46 9.68 -1.44 13.16
C THR B 46 10.12 -0.65 11.92
N VAL B 47 11.05 0.28 12.13
CA VAL B 47 11.71 1.02 11.05
C VAL B 47 13.21 0.98 11.34
N TRP B 48 14.04 1.28 10.34
CA TRP B 48 15.49 1.17 10.56
C TRP B 48 15.96 2.05 11.72
N GLN B 49 17.02 1.60 12.39
CA GLN B 49 17.62 2.34 13.51
C GLN B 49 19.12 2.00 13.68
N ASP B 50 19.99 2.98 13.44
CA ASP B 50 21.41 2.77 13.69
C ASP B 50 21.48 2.15 15.07
N PRO B 51 22.01 0.93 15.18
CA PRO B 51 22.02 0.28 16.49
C PRO B 51 22.73 1.11 17.56
N HIS B 52 23.90 1.66 17.24
CA HIS B 52 24.64 2.47 18.21
C HIS B 52 23.79 3.64 18.72
N GLU B 53 23.13 4.34 17.80
CA GLU B 53 22.28 5.46 18.19
C GLU B 53 21.20 4.93 19.12
N LEU B 54 20.42 3.97 18.61
CA LEU B 54 19.36 3.33 19.38
C LEU B 54 19.84 2.92 20.76
N ARG B 55 21.00 2.28 20.85
CA ARG B 55 21.46 1.85 22.17
C ARG B 55 21.62 3.03 23.11
N GLN B 56 22.12 4.15 22.61
CA GLN B 56 22.41 5.29 23.48
C GLN B 56 21.15 6.01 23.93
N ASN B 57 20.23 6.29 23.01
CA ASN B 57 19.03 7.01 23.36
C ASN B 57 18.29 6.28 24.46
N ILE B 58 18.19 4.96 24.30
CA ILE B 58 17.60 4.13 25.34
C ILE B 58 18.14 4.55 26.69
N ARG B 59 19.46 4.74 26.77
CA ARG B 59 20.09 5.11 28.02
C ARG B 59 19.85 6.57 28.42
N ARG B 60 19.85 7.49 27.46
CA ARG B 60 19.59 8.89 27.77
C ARG B 60 18.16 9.10 28.27
N LEU B 61 17.21 8.52 27.55
CA LEU B 61 15.81 8.61 27.93
C LEU B 61 15.58 8.18 29.39
N ALA B 62 16.21 7.08 29.80
CA ALA B 62 16.02 6.65 31.17
C ALA B 62 16.66 7.69 32.10
N ALA B 63 17.84 8.19 31.72
CA ALA B 63 18.52 9.22 32.49
C ALA B 63 17.68 10.50 32.58
N LEU B 64 16.98 10.79 31.48
CA LEU B 64 16.16 11.98 31.40
C LEU B 64 14.92 11.86 32.27
N TYR B 65 14.16 10.78 32.08
CA TYR B 65 13.03 10.51 32.97
C TYR B 65 13.41 10.66 34.44
N LEU B 66 14.47 9.98 34.88
CA LEU B 66 14.90 10.13 36.27
C LEU B 66 15.33 11.57 36.59
N ALA B 67 15.94 12.24 35.62
CA ALA B 67 16.40 13.59 35.86
C ALA B 67 15.17 14.43 36.11
N VAL B 68 14.10 14.12 35.38
CA VAL B 68 12.92 14.99 35.36
C VAL B 68 12.11 14.96 36.65
N GLY B 69 12.22 13.89 37.41
CA GLY B 69 11.55 13.82 38.69
C GLY B 69 10.99 12.46 38.99
N ILE B 70 10.99 11.57 38.01
CA ILE B 70 10.41 10.24 38.16
C ILE B 70 11.14 9.42 39.22
N ASP B 71 10.39 8.98 40.24
CA ASP B 71 10.97 8.29 41.38
C ASP B 71 10.92 6.78 41.18
N PRO B 72 12.10 6.16 41.07
CA PRO B 72 12.14 4.71 40.83
C PRO B 72 11.63 3.92 42.04
N THR B 73 11.58 4.56 43.21
CA THR B 73 11.00 3.90 44.37
C THR B 73 9.49 4.06 44.45
N GLN B 74 8.89 4.65 43.42
CA GLN B 74 7.42 4.72 43.37
C GLN B 74 6.91 4.34 42.00
N ALA B 75 7.68 4.62 40.97
CA ALA B 75 7.29 4.21 39.63
C ALA B 75 8.13 3.02 39.23
N THR B 76 7.75 2.36 38.15
CA THR B 76 8.54 1.27 37.65
C THR B 76 9.14 1.60 36.29
N LEU B 77 10.35 2.12 36.30
CA LEU B 77 11.00 2.52 35.06
C LEU B 77 11.87 1.36 34.56
N PHE B 78 11.51 0.82 33.40
CA PHE B 78 12.21 -0.32 32.85
C PHE B 78 12.28 -0.26 31.30
N ILE B 79 12.99 -1.21 30.68
CA ILE B 79 13.14 -1.25 29.22
C ILE B 79 12.40 -2.46 28.64
N ALA B 80 11.62 -2.24 27.58
CA ALA B 80 10.71 -3.26 27.06
C ALA B 80 11.41 -4.59 26.77
N SER B 81 12.53 -4.53 26.07
CA SER B 81 13.18 -5.73 25.58
C SER B 81 13.77 -6.61 26.70
N GLU B 82 14.03 -6.01 27.86
CA GLU B 82 14.56 -6.73 29.02
C GLU B 82 13.48 -7.54 29.73
N VAL B 83 12.23 -7.43 29.25
CA VAL B 83 11.16 -8.29 29.74
C VAL B 83 10.62 -9.18 28.59
N PRO B 84 11.16 -10.40 28.48
CA PRO B 84 10.83 -11.36 27.42
C PRO B 84 9.33 -11.59 27.33
N ALA B 85 8.70 -11.65 28.50
CA ALA B 85 7.24 -11.66 28.61
C ALA B 85 6.43 -10.75 27.65
N HIS B 86 6.98 -9.58 27.28
CA HIS B 86 6.27 -8.70 26.32
C HIS B 86 6.05 -9.36 24.97
N ALA B 87 7.10 -10.03 24.44
CA ALA B 87 7.04 -10.67 23.13
C ALA B 87 6.15 -11.89 23.19
N GLN B 88 6.29 -12.63 24.29
CA GLN B 88 5.42 -13.77 24.53
C GLN B 88 3.98 -13.35 24.40
N ALA B 89 3.61 -12.28 25.07
CA ALA B 89 2.24 -11.85 25.11
C ALA B 89 1.79 -11.30 23.76
N ALA B 90 2.69 -10.59 23.10
CA ALA B 90 2.36 -10.01 21.81
C ALA B 90 2.03 -11.10 20.81
N TRP B 91 2.63 -12.28 20.99
CA TRP B 91 2.36 -13.39 20.06
C TRP B 91 0.94 -13.92 20.23
N LEU B 93 -1.68 -12.41 21.62
CA LEU B 93 -2.62 -11.40 21.15
C LEU B 93 -2.56 -11.31 19.63
N GLN B 94 -1.43 -11.67 19.06
CA GLN B 94 -1.32 -11.64 17.62
C GLN B 94 -2.20 -12.73 17.03
N CYS B 95 -2.45 -13.79 17.82
CA CYS B 95 -3.27 -14.92 17.39
C CYS B 95 -4.76 -14.78 17.74
N ILE B 96 -5.11 -13.72 18.46
CA ILE B 96 -6.49 -13.34 18.73
C ILE B 96 -6.97 -12.27 17.75
N VAL B 97 -6.04 -11.49 17.20
CA VAL B 97 -6.39 -10.34 16.40
C VAL B 97 -6.67 -10.74 14.94
N TYR B 98 -7.68 -10.14 14.32
CA TYR B 98 -7.96 -10.39 12.91
C TYR B 98 -7.13 -9.51 12.02
N ILE B 99 -6.59 -10.07 10.93
CA ILE B 99 -5.73 -9.29 10.06
C ILE B 99 -6.42 -8.00 9.63
N GLY B 100 -7.74 -8.04 9.54
CA GLY B 100 -8.50 -6.89 9.13
C GLY B 100 -8.36 -5.71 10.07
N GLU B 101 -8.42 -5.97 11.37
CA GLU B 101 -8.24 -4.94 12.38
C GLU B 101 -6.85 -4.31 12.35
N LEU B 102 -5.81 -5.13 12.16
CA LEU B 102 -4.44 -4.63 12.01
C LEU B 102 -4.28 -3.72 10.79
N GLU B 103 -5.10 -3.99 9.77
CA GLU B 103 -4.90 -3.45 8.44
C GLU B 103 -5.65 -2.17 8.14
N ARG B 104 -6.73 -1.89 8.86
CA ARG B 104 -7.40 -0.61 8.68
C ARG B 104 -7.01 0.35 9.78
N THR B 106 -5.22 3.30 10.97
CA THR B 106 -4.85 4.50 10.19
C THR B 106 -3.34 4.71 10.18
N LEU B 107 -2.73 4.47 11.33
CA LEU B 107 -1.28 4.58 11.48
C LEU B 107 -0.52 3.69 10.49
N PHE B 108 -1.10 2.54 10.17
CA PHE B 108 -0.50 1.65 9.19
C PHE B 108 -0.79 2.08 7.76
N LYS B 109 -2.02 2.52 7.51
CA LYS B 109 -2.36 3.02 6.18
C LYS B 109 -1.52 4.25 5.83
N GLU B 110 -1.09 4.99 6.84
CA GLU B 110 -0.27 6.17 6.59
C GLU B 110 1.20 5.84 6.34
N LEU B 111 1.72 4.83 7.04
CA LEU B 111 3.14 4.47 6.94
C LEU B 111 3.46 3.62 5.73
N SER B 112 2.43 3.23 4.99
CA SER B 112 2.60 2.60 3.68
C SER B 112 2.05 3.51 2.58
N ALA B 113 1.73 2.93 1.43
CA ALA B 113 1.43 3.72 0.23
C ALA B 113 2.75 4.36 -0.21
N GLY B 114 3.48 3.67 -1.06
CA GLY B 114 4.92 3.84 -1.10
C GLY B 114 5.40 3.21 0.20
N LYS B 115 6.35 2.30 0.09
CA LYS B 115 6.85 1.96 -1.22
C LYS B 115 6.19 0.67 -1.60
N GLU B 116 6.91 -0.15 -2.35
CA GLU B 116 6.42 -1.44 -2.83
C GLU B 116 6.84 -2.55 -1.89
N ALA B 117 7.30 -2.17 -0.70
CA ALA B 117 7.71 -3.13 0.31
C ALA B 117 7.56 -2.53 1.70
N VAL B 118 6.76 -3.21 2.51
CA VAL B 118 6.43 -2.72 3.85
C VAL B 118 6.87 -3.74 4.88
N SER B 119 7.75 -3.36 5.80
CA SER B 119 8.15 -4.31 6.82
C SER B 119 6.96 -4.63 7.75
N ALA B 120 6.78 -5.91 8.07
CA ALA B 120 5.61 -6.39 8.83
C ALA B 120 5.48 -5.77 10.21
N GLY B 121 6.59 -5.30 10.79
CA GLY B 121 6.55 -4.59 12.06
C GLY B 121 5.57 -3.41 12.05
N LEU B 122 5.56 -2.67 10.97
CA LEU B 122 4.62 -1.56 10.83
C LEU B 122 3.17 -2.03 11.02
N LEU B 123 2.83 -3.20 10.51
CA LEU B 123 1.44 -3.68 10.54
C LEU B 123 1.06 -4.34 11.85
N THR B 124 2.02 -5.08 12.40
CA THR B 124 1.74 -5.97 13.53
C THR B 124 2.31 -5.42 14.82
N HIS B 125 2.45 -4.10 14.91
CA HIS B 125 2.94 -3.49 16.13
C HIS B 125 1.83 -3.34 17.18
N PRO B 126 0.59 -3.06 16.73
CA PRO B 126 -0.49 -2.96 17.72
C PRO B 126 -0.48 -4.04 18.82
N PRO B 127 -0.32 -5.32 18.48
CA PRO B 127 -0.40 -6.29 19.59
C PRO B 127 0.76 -6.21 20.57
N ILE B 128 1.91 -5.70 20.15
CA ILE B 128 3.01 -5.49 21.09
C ILE B 128 2.64 -4.42 22.10
N TYR B 129 1.99 -3.36 21.64
CA TYR B 129 1.56 -2.31 22.54
C TYR B 129 0.46 -2.85 23.46
N ALA B 130 -0.62 -3.34 22.87
CA ALA B 130 -1.66 -4.03 23.61
C ALA B 130 -1.09 -4.99 24.66
N ALA B 131 -0.03 -5.71 24.32
CA ALA B 131 0.56 -6.63 25.28
C ALA B 131 1.22 -5.87 26.43
N ILE B 133 0.41 -3.35 27.74
CA ILE B 133 -0.61 -2.78 28.59
C ILE B 133 -1.35 -3.84 29.38
N LEU B 134 -1.94 -4.81 28.69
CA LEU B 134 -2.72 -5.83 29.40
C LEU B 134 -1.87 -6.67 30.36
N LEU B 135 -0.61 -6.87 30.02
CA LEU B 135 0.29 -7.64 30.88
C LEU B 135 0.29 -7.16 32.33
N TYR B 136 0.12 -5.86 32.55
CA TYR B 136 0.26 -5.33 33.90
C TYR B 136 -1.06 -5.00 34.61
N ASN B 137 -2.17 -5.34 33.98
CA ASN B 137 -3.51 -5.02 34.50
C ASN B 137 -3.81 -3.55 34.57
N THR B 138 -3.38 -2.85 33.54
CA THR B 138 -3.45 -1.41 33.45
C THR B 138 -4.88 -0.93 33.57
N ASP B 139 -5.12 -0.03 34.53
CA ASP B 139 -6.44 0.54 34.72
C ASP B 139 -6.63 1.74 33.81
N ILE B 140 -5.58 2.55 33.72
CA ILE B 140 -5.67 3.80 32.96
C ILE B 140 -4.53 3.91 31.96
N VAL B 141 -4.87 4.15 30.70
CA VAL B 141 -3.86 4.41 29.66
C VAL B 141 -3.97 5.80 29.05
N PRO B 142 -2.85 6.54 29.02
CA PRO B 142 -2.78 7.81 28.26
C PRO B 142 -3.09 7.53 26.81
N VAL B 143 -3.95 8.32 26.18
CA VAL B 143 -4.21 8.10 24.76
C VAL B 143 -3.40 9.05 23.88
N GLY B 144 -3.78 10.33 23.88
CA GLY B 144 -3.06 11.30 23.07
C GLY B 144 -3.73 11.56 21.74
N GLU B 145 -3.15 12.48 20.98
CA GLU B 145 -3.76 13.03 19.77
C GLU B 145 -4.37 11.97 18.87
N TYR B 146 -3.57 11.00 18.42
CA TYR B 146 -4.05 10.01 17.47
C TYR B 146 -4.05 8.57 18.02
N GLY B 147 -3.91 8.43 19.33
CA GLY B 147 -3.87 7.11 19.93
C GLY B 147 -5.22 6.43 20.06
N LYS B 148 -6.28 7.06 19.56
CA LYS B 148 -7.63 6.52 19.69
C LYS B 148 -7.73 5.09 19.18
N GLN B 149 -7.34 4.89 17.93
CA GLN B 149 -7.43 3.56 17.34
C GLN B 149 -6.69 2.53 18.17
N LEU B 150 -5.45 2.84 18.50
CA LEU B 150 -4.58 1.90 19.17
C LEU B 150 -5.10 1.52 20.56
N TYR B 151 -5.85 2.43 21.19
CA TYR B 151 -6.39 2.17 22.52
C TYR B 151 -7.73 1.43 22.45
N GLU B 152 -8.55 1.81 21.48
CA GLU B 152 -9.77 1.08 21.19
C GLU B 152 -9.46 -0.43 21.01
N LEU B 153 -8.54 -0.74 20.09
CA LEU B 153 -8.16 -2.12 19.82
C LEU B 153 -7.63 -2.85 21.06
N THR B 154 -6.76 -2.19 21.81
CA THR B 154 -6.23 -2.76 23.04
C THR B 154 -7.33 -3.18 24.00
N ARG B 155 -8.41 -2.41 24.05
CA ARG B 155 -9.54 -2.80 24.90
C ARG B 155 -10.41 -3.85 24.18
N ASP B 156 -10.47 -3.80 22.85
CA ASP B 156 -11.12 -4.84 22.04
C ASP B 156 -10.43 -6.22 22.15
N LEU B 157 -9.12 -6.24 22.34
CA LEU B 157 -8.42 -7.50 22.45
C LEU B 157 -8.51 -7.97 23.88
N ALA B 158 -8.62 -7.02 24.81
CA ALA B 158 -8.77 -7.41 26.20
C ALA B 158 -10.15 -8.02 26.45
N GLU B 159 -11.20 -7.49 25.83
CA GLU B 159 -12.51 -8.13 25.82
C GLU B 159 -12.33 -9.49 25.18
N ARG B 160 -12.05 -9.51 23.88
CA ARG B 160 -12.01 -10.75 23.10
C ARG B 160 -11.32 -11.92 23.81
N PHE B 161 -10.19 -11.66 24.43
CA PHE B 161 -9.57 -12.69 25.23
C PHE B 161 -10.47 -13.11 26.40
N ASN B 162 -10.79 -12.17 27.28
CA ASN B 162 -11.68 -12.43 28.39
C ASN B 162 -12.91 -13.29 28.08
N LYS B 163 -13.67 -12.90 27.05
CA LYS B 163 -14.86 -13.65 26.65
C LYS B 163 -14.56 -15.10 26.18
N ARG B 164 -13.38 -15.31 25.59
CA ARG B 164 -13.07 -16.59 24.97
C ARG B 164 -12.45 -17.60 25.95
N TYR B 165 -11.69 -17.10 26.92
CA TYR B 165 -10.84 -17.95 27.76
C TYR B 165 -11.00 -17.69 29.26
N GLY B 166 -12.03 -16.95 29.64
CA GLY B 166 -12.23 -16.55 31.04
C GLY B 166 -11.64 -15.19 31.38
N GLU B 167 -12.29 -14.48 32.29
CA GLU B 167 -11.89 -13.11 32.65
C GLU B 167 -10.50 -13.00 33.25
N LEU B 168 -9.55 -12.51 32.46
CA LEU B 168 -8.16 -12.51 32.89
C LEU B 168 -7.54 -11.13 32.80
N PHE B 169 -8.05 -10.31 31.87
CA PHE B 169 -7.50 -8.97 31.59
C PHE B 169 -8.37 -7.85 32.12
N THR B 170 -7.74 -6.72 32.46
CA THR B 170 -8.47 -5.52 32.84
C THR B 170 -8.78 -4.67 31.64
N ILE B 171 -9.93 -4.02 31.65
CA ILE B 171 -10.25 -3.18 30.49
C ILE B 171 -9.77 -1.78 30.78
N PRO B 172 -8.74 -1.35 30.02
CA PRO B 172 -8.06 -0.06 30.22
C PRO B 172 -8.96 1.12 29.89
N GLU B 173 -8.88 2.19 30.68
CA GLU B 173 -9.64 3.42 30.42
C GLU B 173 -8.68 4.54 29.99
N ALA B 174 -9.16 5.46 29.17
CA ALA B 174 -8.36 6.59 28.72
C ALA B 174 -8.28 7.75 29.72
N ARG B 175 -7.08 8.12 30.17
CA ARG B 175 -6.90 9.36 30.90
C ARG B 175 -6.93 10.51 29.92
N ILE B 176 -7.67 11.56 30.27
CA ILE B 176 -7.88 12.69 29.37
C ILE B 176 -7.04 13.90 29.76
N PRO B 177 -6.09 14.28 28.88
CA PRO B 177 -5.11 15.37 29.04
C PRO B 177 -5.71 16.71 29.46
N LYS B 178 -4.93 17.48 30.21
CA LYS B 178 -5.40 18.74 30.78
C LYS B 178 -5.77 19.80 29.74
N VAL B 179 -6.74 20.63 30.10
CA VAL B 179 -6.99 21.87 29.37
C VAL B 179 -5.65 22.58 29.19
N GLY B 180 -5.43 23.11 27.99
CA GLY B 180 -4.22 23.86 27.70
C GLY B 180 -4.15 24.21 26.24
N ALA B 181 -3.53 25.33 25.92
CA ALA B 181 -3.28 25.69 24.53
C ALA B 181 -2.05 24.94 24.07
N ARG B 182 -2.00 24.56 22.79
CA ARG B 182 -0.88 23.79 22.31
C ARG B 182 0.39 24.65 22.27
N ILE B 183 1.52 24.04 22.59
CA ILE B 183 2.80 24.71 22.39
C ILE B 183 3.14 24.75 20.89
N SER B 185 5.33 25.90 17.26
CA SER B 185 6.66 26.08 16.68
C SER B 185 7.12 27.52 16.91
N LEU B 186 8.42 27.72 17.06
CA LEU B 186 8.99 29.04 17.17
C LEU B 186 9.22 29.71 15.80
N VAL B 187 9.80 28.98 14.85
CA VAL B 187 10.05 29.48 13.50
C VAL B 187 8.74 29.80 12.78
N ASP B 188 7.69 29.02 13.03
CA ASP B 188 6.40 29.24 12.38
C ASP B 188 5.20 29.04 13.32
N PRO B 189 4.95 30.01 14.21
CA PRO B 189 3.92 29.94 15.26
C PRO B 189 2.53 29.48 14.83
N THR B 190 2.33 29.19 13.55
CA THR B 190 1.00 28.76 13.10
C THR B 190 0.82 27.25 13.23
N LYS B 191 1.94 26.53 13.29
CA LYS B 191 1.95 25.06 13.32
C LYS B 191 2.42 24.55 14.69
N SER B 192 2.08 23.32 15.02
CA SER B 192 2.41 22.77 16.33
C SER B 192 3.92 22.55 16.49
N TYR B 194 6.76 20.15 16.95
CA TYR B 194 7.02 18.74 16.76
C TYR B 194 8.51 18.53 16.75
N GLN B 195 8.97 17.44 17.34
CA GLN B 195 10.40 17.14 17.35
C GLN B 195 10.87 16.69 15.97
N SER B 196 9.90 16.27 15.16
CA SER B 196 10.16 15.83 13.82
C SER B 196 10.50 16.99 12.87
N ASP B 197 10.30 18.23 13.32
CA ASP B 197 10.48 19.40 12.45
C ASP B 197 11.86 19.40 11.81
N PRO B 198 11.90 19.51 10.46
CA PRO B 198 13.16 19.68 9.74
C PRO B 198 13.94 20.87 10.29
N ASN B 199 13.29 22.02 10.49
CA ASN B 199 13.99 23.18 11.10
C ASN B 199 14.10 23.03 12.61
N PRO B 200 15.32 22.85 13.11
CA PRO B 200 15.47 22.58 14.55
C PRO B 200 15.36 23.85 15.40
N LYS B 201 15.34 25.01 14.77
CA LYS B 201 15.20 26.23 15.55
C LYS B 201 13.77 26.38 16.04
N ALA B 202 12.95 25.37 15.74
CA ALA B 202 11.52 25.48 15.94
C ALA B 202 11.02 24.80 17.20
N TYR B 203 11.88 24.01 17.82
CA TYR B 203 11.57 23.38 19.10
C TYR B 203 12.73 23.56 20.08
N ILE B 204 12.44 23.56 21.37
CA ILE B 204 13.52 23.58 22.35
C ILE B 204 13.63 22.23 23.04
N THR B 205 14.75 21.57 22.80
CA THR B 205 15.01 20.29 23.41
C THR B 205 15.33 20.46 24.89
N LEU B 206 15.12 19.41 25.68
CA LEU B 206 15.32 19.47 27.12
C LEU B 206 16.79 19.49 27.44
N LEU B 207 17.62 19.21 26.44
CA LEU B 207 19.06 19.24 26.64
C LEU B 207 19.77 20.34 25.83
N ASP B 208 19.01 21.32 25.33
CA ASP B 208 19.60 22.48 24.69
C ASP B 208 20.42 23.22 25.74
N ASP B 209 21.56 23.78 25.36
CA ASP B 209 22.42 24.47 26.33
C ASP B 209 21.97 25.91 26.39
N ALA B 210 22.46 26.66 27.37
CA ALA B 210 22.06 28.07 27.53
C ALA B 210 22.10 28.87 26.22
N LYS B 211 23.23 28.88 25.52
CA LYS B 211 23.32 29.65 24.26
C LYS B 211 22.25 29.27 23.22
N THR B 212 21.84 28.01 23.23
CA THR B 212 20.86 27.55 22.25
C THR B 212 19.43 28.00 22.60
N ILE B 213 19.09 27.88 23.88
CA ILE B 213 17.83 28.41 24.40
C ILE B 213 17.71 29.91 24.07
N GLU B 214 18.79 30.67 24.26
CA GLU B 214 18.81 32.09 23.94
C GLU B 214 18.54 32.29 22.47
N LYS B 215 19.41 31.73 21.63
CA LYS B 215 19.29 31.92 20.20
C LYS B 215 17.88 31.56 19.70
N LYS B 216 17.36 30.40 20.08
CA LYS B 216 16.07 29.94 19.55
C LYS B 216 14.94 30.85 20.02
N ILE B 217 14.94 31.21 21.30
CA ILE B 217 13.93 32.12 21.86
C ILE B 217 14.04 33.52 21.26
N LYS B 218 15.22 34.12 21.39
CA LYS B 218 15.46 35.50 20.93
C LYS B 218 15.23 35.67 19.43
N SER B 219 15.19 34.56 18.70
CA SER B 219 15.01 34.61 17.26
C SER B 219 13.70 33.97 16.83
N ALA B 220 12.76 33.84 17.76
CA ALA B 220 11.45 33.28 17.45
C ALA B 220 10.51 34.29 16.77
N VAL B 221 10.09 33.95 15.55
CA VAL B 221 9.23 34.84 14.76
C VAL B 221 8.10 35.49 15.56
N THR B 222 8.18 36.80 15.68
CA THR B 222 7.22 37.57 16.48
C THR B 222 6.22 38.30 15.57
N ASP B 223 6.18 39.62 15.64
CA ASP B 223 5.32 40.41 14.74
C ASP B 223 5.66 41.89 14.83
N SER B 224 5.02 42.70 13.98
CA SER B 224 5.47 44.08 13.74
C SER B 224 4.89 45.09 14.71
N GLU B 225 3.91 44.66 15.49
CA GLU B 225 3.31 45.43 16.57
C GLU B 225 4.30 45.35 17.72
N GLY B 226 4.00 45.98 18.85
CA GLY B 226 4.95 46.00 19.95
C GLY B 226 4.38 45.80 21.34
N THR B 227 3.21 45.18 21.42
CA THR B 227 2.58 44.87 22.70
C THR B 227 2.52 43.36 22.95
N ILE B 228 2.89 42.98 24.15
CA ILE B 228 2.86 41.60 24.59
C ILE B 228 1.46 41.34 25.08
N ARG B 229 0.66 40.69 24.25
CA ARG B 229 -0.77 40.51 24.53
C ARG B 229 -1.27 39.25 23.82
N TYR B 230 -2.07 38.45 24.51
CA TYR B 230 -2.46 37.15 23.98
C TYR B 230 -3.60 37.25 22.98
N ASP B 231 -3.39 36.61 21.82
CA ASP B 231 -4.34 36.60 20.72
C ASP B 231 -3.77 35.68 19.64
N LYS B 232 -4.35 34.49 19.52
CA LYS B 232 -3.76 33.41 18.73
C LYS B 232 -3.72 33.64 17.23
N GLU B 233 -4.86 33.93 16.59
CA GLU B 233 -4.81 34.22 15.15
C GLU B 233 -3.96 35.44 14.83
N ALA B 234 -4.21 36.54 15.53
CA ALA B 234 -3.57 37.81 15.20
C ALA B 234 -2.10 37.95 15.62
N LYS B 235 -1.75 37.47 16.81
CA LYS B 235 -0.35 37.53 17.28
C LYS B 235 0.23 36.15 17.69
N PRO B 236 0.10 35.15 16.82
CA PRO B 236 0.48 33.76 17.12
C PRO B 236 1.77 33.55 17.92
N GLY B 237 2.87 34.13 17.45
CA GLY B 237 4.16 33.93 18.09
C GLY B 237 4.26 34.51 19.50
N ILE B 238 3.81 35.74 19.66
CA ILE B 238 3.81 36.38 20.96
C ILE B 238 2.86 35.62 21.90
N SER B 239 1.68 35.29 21.39
CA SER B 239 0.75 34.44 22.10
C SER B 239 1.44 33.16 22.56
N ASN B 240 1.98 32.43 21.61
CA ASN B 240 2.66 31.20 21.93
C ASN B 240 3.67 31.36 23.04
N LEU B 241 4.45 32.44 22.99
CA LEU B 241 5.54 32.69 23.94
C LEU B 241 5.00 33.01 25.32
N LEU B 242 3.90 33.77 25.35
CA LEU B 242 3.20 34.04 26.60
C LEU B 242 2.82 32.74 27.27
N ASN B 243 2.29 31.81 26.48
CA ASN B 243 1.91 30.51 26.99
C ASN B 243 3.07 29.73 27.59
N ILE B 244 4.14 29.56 26.82
CA ILE B 244 5.32 28.89 27.34
C ILE B 244 5.77 29.55 28.64
N TYR B 245 5.67 30.87 28.69
CA TYR B 245 6.10 31.63 29.85
C TYR B 245 5.15 31.31 31.02
N SER B 246 3.86 31.42 30.77
CA SER B 246 2.86 31.11 31.78
C SER B 246 2.99 29.68 32.34
N THR B 247 3.04 28.67 31.48
CA THR B 247 3.18 27.29 31.96
C THR B 247 4.49 26.98 32.68
N LEU B 248 5.51 27.82 32.52
CA LEU B 248 6.78 27.53 33.21
C LEU B 248 7.04 28.39 34.43
N SER B 249 6.39 29.54 34.50
CA SER B 249 6.59 30.44 35.63
C SER B 249 5.45 30.30 36.62
N GLY B 250 4.33 29.76 36.18
CA GLY B 250 3.17 29.67 37.02
C GLY B 250 2.30 30.91 36.97
N GLN B 251 2.82 32.01 36.46
CA GLN B 251 2.01 33.22 36.31
C GLN B 251 0.97 33.07 35.20
N SER B 252 -0.21 33.66 35.41
CA SER B 252 -1.20 33.60 34.36
C SER B 252 -0.86 34.56 33.22
N ILE B 253 -1.47 34.30 32.08
CA ILE B 253 -1.25 35.10 30.91
C ILE B 253 -1.78 36.51 31.14
N GLU B 254 -2.85 36.65 31.92
CA GLU B 254 -3.38 37.97 32.23
C GLU B 254 -2.39 38.74 33.09
N GLU B 255 -1.62 38.03 33.91
CA GLU B 255 -0.67 38.70 34.78
C GLU B 255 0.54 39.12 33.99
N LEU B 256 1.00 38.27 33.09
CA LEU B 256 2.17 38.60 32.29
C LEU B 256 1.91 39.88 31.47
N GLU B 257 0.75 39.95 30.82
CA GLU B 257 0.38 41.15 30.09
C GLU B 257 0.55 42.40 30.95
N ARG B 258 0.03 42.36 32.17
CA ARG B 258 0.10 43.54 33.04
C ARG B 258 1.54 43.83 33.42
N GLN B 259 2.35 42.78 33.39
CA GLN B 259 3.72 42.88 33.86
C GLN B 259 4.59 43.51 32.77
N TYR B 260 4.22 43.26 31.53
CA TYR B 260 5.00 43.71 30.38
C TYR B 260 4.27 44.80 29.61
N GLU B 261 3.44 45.54 30.33
CA GLU B 261 2.83 46.77 29.81
C GLU B 261 3.91 47.84 29.61
N GLY B 262 4.02 48.38 28.40
CA GLY B 262 5.06 49.36 28.12
C GLY B 262 6.46 48.76 28.13
N LYS B 263 6.52 47.45 27.89
CA LYS B 263 7.78 46.75 27.70
C LYS B 263 7.77 46.07 26.33
N GLY B 264 8.95 45.75 25.82
CA GLY B 264 9.05 45.30 24.45
C GLY B 264 9.54 43.89 24.24
N TYR B 265 9.17 43.32 23.10
CA TYR B 265 9.55 41.96 22.76
C TYR B 265 10.95 41.65 23.26
N GLY B 266 11.87 42.57 23.06
CA GLY B 266 13.21 42.44 23.56
C GLY B 266 13.36 41.88 24.96
N VAL B 267 12.96 42.64 25.96
CA VAL B 267 13.15 42.23 27.36
C VAL B 267 12.26 41.04 27.67
N PHE B 268 11.08 41.00 27.04
CA PHE B 268 10.18 39.87 27.19
C PHE B 268 10.78 38.56 26.65
N LYS B 269 11.65 38.66 25.66
CA LYS B 269 12.29 37.46 25.14
C LYS B 269 13.43 37.03 26.04
N ALA B 270 14.11 37.99 26.65
CA ALA B 270 15.30 37.67 27.41
C ALA B 270 14.89 37.11 28.73
N ASP B 271 13.73 37.54 29.22
CA ASP B 271 13.19 37.01 30.46
C ASP B 271 12.68 35.59 30.24
N LEU B 272 11.94 35.40 29.14
CA LEU B 272 11.42 34.07 28.81
C LEU B 272 12.59 33.12 28.75
N ALA B 273 13.61 33.49 27.98
CA ALA B 273 14.81 32.66 27.84
C ALA B 273 15.41 32.33 29.21
N GLN B 274 15.42 33.28 30.12
CA GLN B 274 15.93 33.00 31.46
C GLN B 274 15.05 32.00 32.24
N VAL B 275 13.75 32.05 32.05
CA VAL B 275 12.84 31.11 32.72
C VAL B 275 13.17 29.69 32.25
N VAL B 276 13.27 29.53 30.94
CA VAL B 276 13.55 28.22 30.33
C VAL B 276 14.88 27.64 30.79
N ILE B 277 15.92 28.46 30.77
CA ILE B 277 17.21 28.06 31.30
C ILE B 277 17.11 27.75 32.79
N GLU B 278 16.27 28.47 33.52
CA GLU B 278 16.20 28.25 34.95
C GLU B 278 15.40 27.00 35.23
N THR B 279 14.44 26.74 34.37
CA THR B 279 13.70 25.49 34.43
C THR B 279 14.61 24.31 34.06
N LEU B 280 15.43 24.47 33.03
CA LEU B 280 16.22 23.34 32.51
C LEU B 280 17.55 23.04 33.23
N ARG B 281 18.05 23.99 34.01
CA ARG B 281 19.33 23.78 34.70
C ARG B 281 19.32 22.56 35.60
N PRO B 282 18.45 22.57 36.61
CA PRO B 282 18.47 21.46 37.57
C PRO B 282 18.18 20.13 36.88
N ILE B 283 17.40 20.19 35.80
CA ILE B 283 17.02 18.98 35.12
C ILE B 283 18.24 18.38 34.43
N GLN B 284 19.03 19.21 33.78
CA GLN B 284 20.20 18.72 33.08
C GLN B 284 21.31 18.31 34.02
N GLU B 285 21.51 19.06 35.10
CA GLU B 285 22.52 18.67 36.05
C GLU B 285 22.26 17.24 36.50
N ARG B 286 21.06 17.00 37.03
CA ARG B 286 20.70 15.67 37.49
C ARG B 286 20.95 14.66 36.37
N TYR B 287 20.49 15.00 35.18
CA TYR B 287 20.65 14.15 34.02
C TYR B 287 22.09 13.67 33.92
N HIS B 288 23.03 14.61 34.00
CA HIS B 288 24.43 14.29 33.81
C HIS B 288 24.94 13.42 34.92
N HIS B 289 24.51 13.68 36.13
CA HIS B 289 24.88 12.80 37.21
C HIS B 289 24.38 11.37 37.00
N TRP B 290 23.17 11.24 36.49
CA TRP B 290 22.63 9.92 36.18
C TRP B 290 23.48 9.22 35.11
N GLU B 292 26.41 9.52 34.53
CA GLU B 292 27.77 9.28 34.99
C GLU B 292 27.76 8.39 36.22
N SER B 293 26.64 7.73 36.46
CA SER B 293 26.50 6.88 37.64
C SER B 293 26.19 5.46 37.26
N GLU B 294 26.70 4.51 38.05
CA GLU B 294 26.35 3.11 37.84
C GLU B 294 24.98 2.89 38.44
N GLU B 295 24.61 3.76 39.36
CA GLU B 295 23.30 3.70 39.98
C GLU B 295 22.25 3.60 38.88
N LEU B 296 22.55 4.17 37.72
CA LEU B 296 21.59 4.17 36.61
C LEU B 296 21.24 2.79 36.08
N ASP B 297 22.24 1.92 35.90
CA ASP B 297 21.96 0.55 35.46
C ASP B 297 21.26 -0.21 36.57
N ARG B 298 21.62 0.15 37.80
CA ARG B 298 21.08 -0.52 38.96
C ARG B 298 19.60 -0.27 38.99
N VAL B 299 19.19 0.93 38.59
CA VAL B 299 17.79 1.33 38.66
C VAL B 299 16.99 0.70 37.52
N LEU B 300 17.66 0.49 36.40
CA LEU B 300 17.07 -0.19 35.26
C LEU B 300 17.01 -1.69 35.50
N ASP B 301 17.93 -2.19 36.31
CA ASP B 301 17.89 -3.59 36.72
C ASP B 301 16.68 -3.77 37.63
N GLU B 302 16.66 -3.03 38.74
CA GLU B 302 15.56 -3.17 39.68
C GLU B 302 14.20 -3.04 38.98
N GLY B 303 14.15 -2.18 37.97
CA GLY B 303 12.92 -1.98 37.22
C GLY B 303 12.48 -3.23 36.49
N ALA B 304 13.44 -3.92 35.89
CA ALA B 304 13.18 -5.12 35.13
C ALA B 304 12.67 -6.31 35.98
N GLU B 305 13.30 -6.56 37.13
CA GLU B 305 12.80 -7.57 38.09
C GLU B 305 11.33 -7.31 38.43
N LYS B 306 11.04 -6.13 38.95
CA LYS B 306 9.67 -5.70 39.21
C LYS B 306 8.80 -6.01 38.01
N ALA B 307 9.23 -5.53 36.84
CA ALA B 307 8.45 -5.64 35.62
C ALA B 307 8.17 -7.10 35.25
N ASN B 308 9.23 -7.91 35.18
CA ASN B 308 9.11 -9.32 34.81
C ASN B 308 8.25 -10.10 35.79
N ARG B 309 8.54 -9.93 37.08
CA ARG B 309 7.79 -10.58 38.13
C ARG B 309 6.31 -10.52 37.78
N VAL B 310 5.78 -9.32 37.55
CA VAL B 310 4.37 -9.18 37.24
C VAL B 310 4.00 -9.75 35.88
N ALA B 311 4.78 -9.41 34.85
CA ALA B 311 4.48 -9.82 33.48
C ALA B 311 4.53 -11.34 33.20
N SER B 312 5.56 -12.01 33.72
CA SER B 312 5.72 -13.44 33.48
C SER B 312 4.53 -14.23 33.99
N GLU B 313 4.13 -13.92 35.23
CA GLU B 313 2.99 -14.57 35.84
C GLU B 313 1.75 -14.43 34.99
N VAL B 315 1.76 -14.05 31.90
CA VAL B 315 2.01 -14.91 30.77
C VAL B 315 1.63 -16.36 31.13
N ARG B 316 2.02 -16.80 32.33
CA ARG B 316 1.71 -18.16 32.75
C ARG B 316 0.20 -18.40 32.74
N LYS B 317 -0.56 -17.43 33.27
CA LYS B 317 -2.02 -17.46 33.24
C LYS B 317 -2.56 -17.52 31.80
N GLU B 319 -1.10 -18.66 29.13
CA GLU B 319 -0.73 -19.96 28.58
C GLU B 319 -1.63 -21.03 29.15
N GLN B 320 -1.69 -21.02 30.48
CA GLN B 320 -2.49 -21.97 31.24
C GLN B 320 -3.92 -22.04 30.71
N ALA B 321 -4.25 -21.11 29.83
CA ALA B 321 -5.64 -20.83 29.48
C ALA B 321 -5.97 -21.02 28.01
N GLY B 323 -3.78 -23.14 26.44
CA GLY B 323 -3.28 -24.50 26.45
C GLY B 323 -1.88 -24.63 25.90
N LEU B 324 -1.03 -23.61 26.08
CA LEU B 324 0.37 -23.77 25.69
C LEU B 324 1.18 -24.42 26.80
N GLY B 325 2.27 -25.06 26.43
CA GLY B 325 3.16 -25.66 27.40
C GLY B 325 2.51 -26.71 28.26
N ARG B 326 2.82 -26.69 29.54
CA ARG B 326 2.29 -27.66 30.48
C ARG B 326 1.85 -27.00 31.78
N ARG B 327 1.63 -27.81 32.82
CA ARG B 327 1.46 -27.32 34.18
C ARG B 327 0.26 -26.39 34.32
N LYS C 2 0.46 19.91 -43.74
CA LYS C 2 1.06 19.25 -42.59
C LYS C 2 0.48 19.81 -41.29
N THR C 3 0.42 18.96 -40.27
CA THR C 3 -0.15 19.35 -38.99
C THR C 3 0.90 19.38 -37.90
N ILE C 4 1.07 20.53 -37.25
CA ILE C 4 1.93 20.61 -36.08
C ILE C 4 1.02 20.58 -34.85
N PHE C 5 1.49 19.98 -33.76
CA PHE C 5 0.69 19.89 -32.55
C PHE C 5 1.50 20.23 -31.32
N SER C 6 1.15 21.32 -30.65
CA SER C 6 1.91 21.75 -29.50
C SER C 6 1.14 21.68 -28.17
N ALA C 7 1.68 20.91 -27.24
CA ALA C 7 1.05 20.77 -25.95
C ALA C 7 1.74 21.67 -24.96
N ILE C 8 0.98 22.58 -24.35
CA ILE C 8 1.53 23.51 -23.37
C ILE C 8 0.97 23.21 -21.99
N CYS C 9 1.87 22.96 -21.05
CA CYS C 9 1.51 22.68 -19.68
C CYS C 9 1.13 23.99 -19.01
N PRO C 10 -0.12 24.09 -18.52
CA PRO C 10 -0.61 25.31 -17.89
C PRO C 10 -0.03 25.48 -16.51
N THR C 11 1.26 25.75 -16.40
CA THR C 11 1.88 25.88 -15.09
C THR C 11 2.94 26.98 -15.05
N GLY C 12 2.51 28.19 -14.68
CA GLY C 12 3.43 29.29 -14.50
C GLY C 12 3.58 30.24 -15.67
N VAL C 13 4.81 30.69 -15.88
CA VAL C 13 5.09 31.88 -16.66
C VAL C 13 5.88 31.62 -17.94
N ILE C 14 5.52 32.37 -18.99
CA ILE C 14 6.26 32.32 -20.25
C ILE C 14 7.34 33.40 -20.28
N THR C 15 8.60 33.01 -20.09
CA THR C 15 9.68 33.98 -20.16
C THR C 15 9.80 34.49 -21.59
N ILE C 16 10.46 35.63 -21.76
CA ILE C 16 10.68 36.17 -23.09
C ILE C 16 11.50 35.21 -23.93
N GLY C 17 12.33 34.41 -23.25
CA GLY C 17 13.12 33.38 -23.90
C GLY C 17 12.24 32.43 -24.71
N ARG C 18 11.23 31.86 -24.06
CA ARG C 18 10.31 30.96 -24.76
C ARG C 18 9.49 31.73 -25.79
N TYR C 19 9.30 33.03 -25.56
CA TYR C 19 8.61 33.88 -26.52
C TYR C 19 9.43 34.05 -27.80
N ILE C 20 10.66 34.51 -27.62
CA ILE C 20 11.54 34.84 -28.74
C ILE C 20 11.96 33.62 -29.54
N GLY C 21 12.21 32.52 -28.83
CA GLY C 21 12.75 31.33 -29.47
C GLY C 21 11.78 30.19 -29.73
N ALA C 22 10.49 30.43 -29.46
CA ALA C 22 9.48 29.39 -29.70
C ALA C 22 8.13 29.97 -30.08
N LEU C 23 7.51 30.67 -29.14
CA LEU C 23 6.13 31.13 -29.32
C LEU C 23 5.96 32.11 -30.49
N ARG C 24 6.93 33.00 -30.69
CA ARG C 24 6.78 34.02 -31.74
C ARG C 24 6.70 33.41 -33.13
N GLN C 25 7.57 32.45 -33.41
CA GLN C 25 7.51 31.69 -34.65
C GLN C 25 6.10 31.22 -35.01
N PHE C 26 5.36 30.69 -34.04
CA PHE C 26 4.05 30.09 -34.34
C PHE C 26 3.02 31.07 -34.85
N VAL C 27 3.15 32.32 -34.45
CA VAL C 27 2.33 33.38 -35.02
C VAL C 27 2.46 33.37 -36.54
N GLU C 28 3.64 33.01 -37.03
CA GLU C 28 3.84 32.77 -38.45
C GLU C 28 3.46 31.32 -38.90
N LEU C 29 3.97 30.31 -38.22
CA LEU C 29 3.68 28.91 -38.62
C LEU C 29 2.18 28.59 -38.79
N GLN C 30 1.31 29.16 -37.94
CA GLN C 30 -0.12 28.94 -38.06
C GLN C 30 -0.69 29.23 -39.45
N HIS C 31 0.07 29.95 -40.26
CA HIS C 31 -0.44 30.30 -41.57
C HIS C 31 0.03 29.30 -42.61
N GLU C 32 1.08 28.57 -42.28
CA GLU C 32 1.67 27.64 -43.23
C GLU C 32 1.48 26.17 -42.84
N TYR C 33 1.07 25.93 -41.60
CA TYR C 33 0.71 24.58 -41.16
C TYR C 33 -0.65 24.58 -40.45
N ASN C 34 -1.33 23.44 -40.43
CA ASN C 34 -2.51 23.29 -39.59
C ASN C 34 -2.08 23.04 -38.14
N CYS C 35 -2.27 24.04 -37.28
CA CYS C 35 -1.74 24.03 -35.91
C CYS C 35 -2.76 23.78 -34.78
N TYR C 36 -2.32 23.01 -33.80
CA TYR C 36 -3.06 22.69 -32.58
C TYR C 36 -2.30 23.22 -31.35
N PHE C 37 -2.93 24.10 -30.60
CA PHE C 37 -2.34 24.53 -29.34
C PHE C 37 -3.28 24.02 -28.28
N CYS C 38 -2.78 23.07 -27.49
CA CYS C 38 -3.57 22.39 -26.47
C CYS C 38 -3.04 22.68 -25.08
N ILE C 39 -3.87 23.30 -24.25
CA ILE C 39 -3.48 23.53 -22.87
C ILE C 39 -3.63 22.23 -22.10
N ALA C 40 -2.49 21.67 -21.70
CA ALA C 40 -2.45 20.36 -21.11
C ALA C 40 -2.75 20.42 -19.64
N ASP C 41 -4.00 20.67 -19.27
CA ASP C 41 -4.40 20.58 -17.87
C ASP C 41 -4.30 19.15 -17.30
N GLN C 42 -4.83 18.16 -18.04
CA GLN C 42 -4.71 16.74 -17.63
C GLN C 42 -3.30 16.34 -17.24
N SER C 43 -2.29 16.97 -17.83
CA SER C 43 -0.89 16.60 -17.56
C SER C 43 -0.39 17.35 -16.34
N ALA C 44 -1.04 18.47 -16.06
CA ALA C 44 -0.64 19.29 -14.95
C ALA C 44 -0.69 18.49 -13.66
N ILE C 45 -1.73 17.69 -13.48
CA ILE C 45 -1.98 17.09 -12.17
C ILE C 45 -1.15 15.86 -11.82
N THR C 46 -0.15 15.52 -12.62
CA THR C 46 0.72 14.42 -12.24
C THR C 46 1.48 14.79 -10.96
N VAL C 47 1.33 16.05 -10.55
CA VAL C 47 1.91 16.56 -9.31
C VAL C 47 0.87 17.45 -8.63
N TRP C 48 1.06 17.73 -7.35
CA TRP C 48 0.07 18.55 -6.63
C TRP C 48 -0.12 19.91 -7.31
N GLN C 49 -1.38 20.29 -7.49
CA GLN C 49 -1.72 21.58 -8.09
C GLN C 49 -2.86 22.21 -7.30
N ASP C 50 -2.67 23.43 -6.82
CA ASP C 50 -3.79 24.10 -6.19
C ASP C 50 -4.88 24.34 -7.22
N PRO C 51 -6.06 23.80 -6.96
CA PRO C 51 -7.21 24.04 -7.84
C PRO C 51 -7.35 25.49 -8.29
N HIS C 52 -7.52 26.45 -7.38
CA HIS C 52 -7.73 27.82 -7.82
C HIS C 52 -6.61 28.29 -8.76
N GLU C 53 -5.35 28.12 -8.32
CA GLU C 53 -4.22 28.57 -9.13
C GLU C 53 -4.20 27.86 -10.48
N LEU C 54 -4.19 26.53 -10.45
CA LEU C 54 -4.24 25.75 -11.70
C LEU C 54 -5.31 26.27 -12.65
N ARG C 55 -6.52 26.46 -12.15
CA ARG C 55 -7.62 26.86 -13.00
C ARG C 55 -7.46 28.29 -13.54
N GLN C 56 -6.62 29.06 -12.86
CA GLN C 56 -6.26 30.40 -13.31
C GLN C 56 -5.30 30.36 -14.51
N ASN C 57 -4.19 29.66 -14.36
CA ASN C 57 -3.22 29.50 -15.44
C ASN C 57 -3.82 28.99 -16.74
N ILE C 58 -4.73 28.02 -16.65
CA ILE C 58 -5.44 27.52 -17.82
C ILE C 58 -6.07 28.71 -18.51
N ARG C 59 -6.79 29.50 -17.75
CA ARG C 59 -7.43 30.70 -18.26
C ARG C 59 -6.38 31.65 -18.83
N ARG C 60 -5.30 31.85 -18.07
CA ARG C 60 -4.23 32.76 -18.48
C ARG C 60 -3.55 32.35 -19.77
N LEU C 61 -2.99 31.13 -19.79
CA LEU C 61 -2.29 30.64 -20.97
C LEU C 61 -3.12 30.85 -22.22
N ALA C 62 -4.41 30.51 -22.16
CA ALA C 62 -5.32 30.71 -23.29
C ALA C 62 -5.43 32.19 -23.69
N ALA C 63 -5.35 33.06 -22.71
CA ALA C 63 -5.44 34.48 -23.02
C ALA C 63 -4.13 34.89 -23.67
N LEU C 64 -3.04 34.53 -22.99
CA LEU C 64 -1.70 34.88 -23.41
C LEU C 64 -1.39 34.40 -24.84
N TYR C 65 -1.83 33.20 -25.19
CA TYR C 65 -1.61 32.66 -26.53
C TYR C 65 -2.40 33.44 -27.58
N LEU C 66 -3.63 33.80 -27.25
CA LEU C 66 -4.43 34.64 -28.13
C LEU C 66 -3.80 36.01 -28.23
N ALA C 67 -3.35 36.49 -27.08
CA ALA C 67 -2.83 37.85 -26.95
C ALA C 67 -1.65 38.05 -27.87
N VAL C 68 -0.78 37.05 -27.92
CA VAL C 68 0.50 37.17 -28.60
C VAL C 68 0.32 37.15 -30.11
N GLY C 69 -0.86 36.73 -30.56
CA GLY C 69 -1.17 36.70 -31.97
C GLY C 69 -1.70 35.37 -32.51
N ILE C 70 -1.94 34.38 -31.66
CA ILE C 70 -2.48 33.12 -32.16
C ILE C 70 -3.93 33.26 -32.61
N ASP C 71 -4.16 33.13 -33.90
CA ASP C 71 -5.47 33.37 -34.48
C ASP C 71 -6.37 32.11 -34.43
N PRO C 72 -7.44 32.16 -33.61
CA PRO C 72 -8.34 30.99 -33.46
C PRO C 72 -9.08 30.61 -34.73
N THR C 73 -8.91 31.38 -35.81
CA THR C 73 -9.60 31.09 -37.07
C THR C 73 -8.69 30.28 -37.95
N GLN C 74 -7.39 30.45 -37.73
CA GLN C 74 -6.40 29.72 -38.51
C GLN C 74 -5.96 28.43 -37.78
N ALA C 75 -5.86 28.51 -36.46
CA ALA C 75 -5.48 27.38 -35.64
C ALA C 75 -6.64 26.88 -34.80
N THR C 76 -6.30 26.15 -33.75
CA THR C 76 -7.30 25.51 -32.94
C THR C 76 -6.78 25.51 -31.52
N LEU C 77 -7.35 26.38 -30.69
CA LEU C 77 -6.93 26.51 -29.32
C LEU C 77 -7.92 25.74 -28.44
N PHE C 78 -7.41 25.02 -27.44
CA PHE C 78 -8.29 24.15 -26.65
C PHE C 78 -7.65 23.52 -25.41
N ILE C 79 -8.51 23.26 -24.43
CA ILE C 79 -8.14 22.70 -23.17
C ILE C 79 -8.27 21.17 -23.31
N ALA C 80 -7.29 20.43 -22.83
CA ALA C 80 -7.21 19.00 -23.07
C ALA C 80 -8.39 18.28 -22.46
N SER C 81 -8.57 18.50 -21.17
CA SER C 81 -9.57 17.79 -20.41
C SER C 81 -10.95 17.95 -21.04
N GLU C 82 -11.17 18.97 -21.85
CA GLU C 82 -12.50 19.12 -22.42
C GLU C 82 -12.74 18.18 -23.62
N VAL C 83 -11.71 17.41 -23.97
CA VAL C 83 -11.78 16.44 -25.04
C VAL C 83 -11.59 15.02 -24.45
N PRO C 84 -12.71 14.33 -24.20
CA PRO C 84 -12.65 13.04 -23.49
C PRO C 84 -11.86 11.99 -24.24
N ALA C 85 -11.68 12.17 -25.54
CA ALA C 85 -10.88 11.22 -26.31
C ALA C 85 -9.41 11.14 -25.89
N HIS C 86 -8.87 12.16 -25.23
CA HIS C 86 -7.49 12.09 -24.77
C HIS C 86 -7.33 11.05 -23.69
N ALA C 87 -8.39 10.85 -22.90
CA ALA C 87 -8.36 9.91 -21.80
C ALA C 87 -8.56 8.52 -22.33
N GLN C 88 -9.53 8.39 -23.23
CA GLN C 88 -9.83 7.12 -23.86
C GLN C 88 -8.58 6.59 -24.54
N ALA C 89 -8.02 7.39 -25.42
CA ALA C 89 -6.87 6.97 -26.20
C ALA C 89 -5.67 6.66 -25.31
N ALA C 90 -5.47 7.45 -24.27
CA ALA C 90 -4.34 7.24 -23.36
C ALA C 90 -4.38 5.90 -22.62
N TRP C 91 -5.58 5.38 -22.36
CA TRP C 91 -5.71 4.07 -21.73
C TRP C 91 -5.25 2.98 -22.71
N LEU C 93 -3.16 3.22 -25.39
CA LEU C 93 -1.70 3.29 -25.43
C LEU C 93 -1.03 2.82 -24.13
N GLN C 94 -1.66 3.03 -22.98
CA GLN C 94 -1.09 2.48 -21.75
C GLN C 94 -0.98 0.96 -21.79
N CYS C 95 -1.92 0.32 -22.49
CA CYS C 95 -1.94 -1.13 -22.55
C CYS C 95 -0.90 -1.68 -23.55
N ILE C 96 -0.37 -0.79 -24.38
CA ILE C 96 0.53 -1.14 -25.47
C ILE C 96 1.99 -0.82 -25.11
N VAL C 97 2.20 0.02 -24.11
CA VAL C 97 3.53 0.43 -23.68
C VAL C 97 4.18 -0.53 -22.67
N TYR C 98 5.49 -0.40 -22.45
CA TYR C 98 6.19 -1.28 -21.53
C TYR C 98 6.69 -0.57 -20.28
N ILE C 99 6.32 -1.10 -19.12
CA ILE C 99 6.78 -0.55 -17.85
C ILE C 99 8.26 -0.24 -17.94
N GLY C 100 8.97 -1.03 -18.74
CA GLY C 100 10.37 -0.76 -19.01
C GLY C 100 10.58 0.62 -19.62
N GLU C 101 9.80 0.92 -20.65
CA GLU C 101 9.94 2.19 -21.38
C GLU C 101 9.59 3.43 -20.51
N LEU C 102 8.56 3.33 -19.68
CA LEU C 102 8.17 4.44 -18.83
C LEU C 102 9.16 4.66 -17.70
N GLU C 103 9.88 3.61 -17.33
CA GLU C 103 10.73 3.67 -16.15
C GLU C 103 12.14 4.19 -16.47
N ARG C 104 12.50 4.16 -17.75
CA ARG C 104 13.81 4.63 -18.22
C ARG C 104 13.78 6.12 -18.51
N THR C 106 14.19 9.76 -18.24
CA THR C 106 14.96 10.74 -17.47
C THR C 106 14.06 11.69 -16.66
N LEU C 107 13.09 12.32 -17.33
CA LEU C 107 12.19 13.23 -16.63
C LEU C 107 11.65 12.53 -15.40
N PHE C 108 11.28 11.26 -15.54
CA PHE C 108 10.74 10.50 -14.41
C PHE C 108 11.77 10.16 -13.33
N LYS C 109 12.89 9.54 -13.74
CA LYS C 109 13.96 9.17 -12.82
C LYS C 109 14.49 10.37 -12.06
N GLU C 110 14.28 11.57 -12.62
CA GLU C 110 14.80 12.81 -12.03
C GLU C 110 13.90 13.39 -10.95
N LEU C 111 12.64 13.66 -11.28
CA LEU C 111 11.76 14.33 -10.31
C LEU C 111 11.03 13.33 -9.40
N SER C 112 11.66 12.18 -9.19
CA SER C 112 11.25 11.24 -8.14
C SER C 112 12.52 10.76 -7.46
N ALA C 113 12.57 9.46 -7.17
CA ALA C 113 13.78 8.88 -6.56
C ALA C 113 14.17 9.66 -5.31
N GLY C 114 13.44 9.44 -4.23
CA GLY C 114 13.53 10.30 -3.06
C GLY C 114 12.51 11.40 -3.23
N LYS C 115 11.34 11.23 -2.61
CA LYS C 115 11.10 10.10 -1.71
C LYS C 115 10.57 8.87 -2.44
N GLU C 116 10.10 7.90 -1.65
CA GLU C 116 9.34 6.76 -2.17
C GLU C 116 7.84 7.02 -2.01
N ALA C 117 7.46 8.27 -2.22
CA ALA C 117 6.05 8.67 -2.28
C ALA C 117 5.81 9.46 -3.58
N VAL C 118 5.65 8.74 -4.69
CA VAL C 118 5.51 9.34 -6.02
C VAL C 118 4.20 8.95 -6.71
N SER C 119 3.53 9.91 -7.36
CA SER C 119 2.32 9.63 -8.13
C SER C 119 2.54 8.57 -9.19
N ALA C 120 1.45 8.05 -9.74
CA ALA C 120 1.57 7.11 -10.85
C ALA C 120 1.32 7.79 -12.19
N GLY C 121 0.60 8.92 -12.19
CA GLY C 121 0.41 9.70 -13.39
C GLY C 121 1.78 10.13 -13.91
N LEU C 122 2.69 10.32 -12.96
CA LEU C 122 4.06 10.70 -13.26
C LEU C 122 4.83 9.64 -14.05
N LEU C 123 4.54 8.37 -13.83
CA LEU C 123 5.24 7.32 -14.57
C LEU C 123 4.47 6.97 -15.84
N THR C 124 3.15 7.12 -15.79
CA THR C 124 2.31 6.77 -16.92
C THR C 124 1.95 8.00 -17.73
N HIS C 125 2.76 9.05 -17.63
CA HIS C 125 2.39 10.24 -18.39
C HIS C 125 2.66 10.17 -19.89
N PRO C 126 3.80 9.59 -20.29
CA PRO C 126 4.11 9.50 -21.73
C PRO C 126 2.96 9.03 -22.65
N PRO C 127 2.23 7.97 -22.26
CA PRO C 127 1.07 7.50 -23.03
C PRO C 127 -0.02 8.55 -23.13
N ILE C 128 -0.24 9.31 -22.07
CA ILE C 128 -1.16 10.43 -22.15
C ILE C 128 -0.69 11.43 -23.23
N TYR C 129 0.59 11.76 -23.23
CA TYR C 129 1.14 12.70 -24.20
C TYR C 129 1.01 12.14 -25.60
N ALA C 130 1.60 10.97 -25.80
CA ALA C 130 1.47 10.26 -27.06
C ALA C 130 0.03 10.35 -27.59
N ALA C 131 -0.94 10.17 -26.72
CA ALA C 131 -2.31 10.11 -27.19
C ALA C 131 -2.76 11.48 -27.72
N ILE C 133 -0.84 13.66 -29.20
CA ILE C 133 -0.17 13.79 -30.48
C ILE C 133 -0.78 12.96 -31.60
N LEU C 134 -0.94 11.65 -31.36
CA LEU C 134 -1.45 10.73 -32.39
C LEU C 134 -2.95 10.87 -32.73
N LEU C 135 -3.73 11.38 -31.80
CA LEU C 135 -5.15 11.57 -32.04
C LEU C 135 -5.46 12.43 -33.26
N TYR C 136 -4.59 13.38 -33.58
CA TYR C 136 -4.92 14.38 -34.59
C TYR C 136 -4.21 14.20 -35.91
N ASN C 137 -3.66 13.01 -36.12
CA ASN C 137 -2.83 12.72 -37.28
C ASN C 137 -1.77 13.80 -37.46
N THR C 138 -1.05 14.05 -36.37
CA THR C 138 -0.01 15.06 -36.33
C THR C 138 1.20 14.66 -37.14
N ASP C 139 1.66 15.57 -38.00
CA ASP C 139 2.82 15.30 -38.85
C ASP C 139 4.12 15.78 -38.23
N ILE C 140 4.05 16.83 -37.42
CA ILE C 140 5.25 17.42 -36.85
C ILE C 140 5.02 17.78 -35.39
N VAL C 141 6.08 17.67 -34.59
CA VAL C 141 5.99 17.95 -33.17
C VAL C 141 7.23 18.72 -32.79
N PRO C 142 7.03 19.86 -32.12
CA PRO C 142 8.17 20.62 -31.61
C PRO C 142 8.88 19.79 -30.58
N VAL C 143 10.21 19.69 -30.66
CA VAL C 143 10.92 18.94 -29.65
C VAL C 143 11.93 19.81 -28.90
N GLY C 144 13.13 19.91 -29.45
CA GLY C 144 14.16 20.71 -28.79
C GLY C 144 14.67 20.11 -27.50
N GLU C 145 14.79 20.96 -26.49
CA GLU C 145 15.54 20.66 -25.27
C GLU C 145 15.51 19.20 -24.75
N TYR C 146 14.42 18.80 -24.09
CA TYR C 146 14.39 17.50 -23.40
C TYR C 146 13.25 16.59 -23.84
N GLY C 147 12.93 16.63 -25.13
CA GLY C 147 11.80 15.88 -25.62
C GLY C 147 12.17 14.72 -26.50
N LYS C 148 13.45 14.55 -26.79
CA LYS C 148 13.87 13.47 -27.70
C LYS C 148 13.32 12.14 -27.23
N GLN C 149 13.29 11.95 -25.91
CA GLN C 149 12.91 10.69 -25.30
C GLN C 149 11.40 10.48 -25.42
N LEU C 150 10.65 11.53 -25.09
CA LEU C 150 9.19 11.50 -25.15
C LEU C 150 8.70 11.45 -26.58
N TYR C 151 9.48 12.08 -27.48
CA TYR C 151 9.16 12.12 -28.90
C TYR C 151 9.40 10.75 -29.52
N GLU C 152 10.54 10.17 -29.16
CA GLU C 152 10.90 8.82 -29.56
C GLU C 152 9.87 7.81 -29.09
N LEU C 153 9.50 7.89 -27.81
CA LEU C 153 8.50 6.98 -27.28
C LEU C 153 7.18 7.05 -28.03
N THR C 154 6.77 8.26 -28.40
CA THR C 154 5.54 8.39 -29.18
C THR C 154 5.65 7.67 -30.52
N ARG C 155 6.79 7.85 -31.21
CA ARG C 155 7.02 7.18 -32.48
C ARG C 155 6.89 5.66 -32.33
N ASP C 156 7.62 5.10 -31.36
CA ASP C 156 7.53 3.67 -31.02
C ASP C 156 6.09 3.20 -30.81
N LEU C 157 5.33 3.87 -29.95
CA LEU C 157 3.95 3.47 -29.68
C LEU C 157 3.07 3.55 -30.91
N ALA C 158 3.34 4.51 -31.78
CA ALA C 158 2.51 4.70 -32.97
C ALA C 158 2.80 3.61 -33.99
N GLU C 159 4.02 3.10 -33.96
CA GLU C 159 4.40 2.00 -34.85
C GLU C 159 3.97 0.67 -34.27
N ARG C 160 4.20 0.48 -32.98
CA ARG C 160 3.69 -0.69 -32.29
C ARG C 160 2.17 -0.83 -32.47
N PHE C 161 1.44 0.26 -32.36
CA PHE C 161 0.00 0.16 -32.57
C PHE C 161 -0.33 -0.24 -34.01
N ASN C 162 0.04 0.58 -34.98
CA ASN C 162 -0.15 0.19 -36.37
C ASN C 162 0.28 -1.25 -36.65
N LYS C 163 1.44 -1.63 -36.12
CA LYS C 163 1.98 -2.98 -36.27
C LYS C 163 1.01 -4.06 -35.79
N ARG C 164 0.37 -3.86 -34.63
CA ARG C 164 -0.52 -4.86 -34.04
C ARG C 164 -1.97 -4.87 -34.52
N TYR C 165 -2.48 -3.71 -34.92
CA TYR C 165 -3.91 -3.55 -35.16
C TYR C 165 -4.26 -2.95 -36.53
N GLY C 166 -3.23 -2.48 -37.24
CA GLY C 166 -3.41 -1.93 -38.56
C GLY C 166 -2.80 -0.55 -38.61
N GLU C 167 -2.59 0.00 -39.80
CA GLU C 167 -1.96 1.30 -39.89
C GLU C 167 -2.99 2.40 -39.73
N LEU C 168 -2.98 3.00 -38.55
CA LEU C 168 -3.96 4.01 -38.18
C LEU C 168 -3.29 5.37 -38.04
N PHE C 169 -2.16 5.37 -37.34
CA PHE C 169 -1.46 6.58 -36.95
C PHE C 169 -0.43 7.09 -37.95
N THR C 170 -0.28 8.41 -38.02
CA THR C 170 0.82 9.01 -38.71
C THR C 170 2.02 9.05 -37.78
N ILE C 171 3.18 8.68 -38.28
CA ILE C 171 4.37 8.69 -37.46
C ILE C 171 4.94 10.10 -37.39
N PRO C 172 4.82 10.75 -36.23
CA PRO C 172 5.25 12.14 -36.07
C PRO C 172 6.72 12.37 -36.39
N GLU C 173 6.98 13.47 -37.10
CA GLU C 173 8.33 13.91 -37.42
C GLU C 173 8.65 15.04 -36.48
N ALA C 174 9.90 15.12 -36.02
CA ALA C 174 10.29 16.14 -35.06
C ALA C 174 10.79 17.44 -35.71
N ARG C 175 10.15 18.57 -35.39
CA ARG C 175 10.65 19.86 -35.82
C ARG C 175 11.76 20.30 -34.90
N ILE C 176 12.97 20.33 -35.45
CA ILE C 176 14.13 20.82 -34.74
C ILE C 176 14.03 22.35 -34.63
N PRO C 177 14.18 22.88 -33.41
CA PRO C 177 14.05 24.34 -33.24
C PRO C 177 15.00 25.13 -34.16
N LYS C 178 14.69 26.41 -34.39
CA LYS C 178 15.46 27.23 -35.31
C LYS C 178 16.84 27.59 -34.75
N VAL C 179 17.81 27.75 -35.65
CA VAL C 179 19.15 28.18 -35.26
C VAL C 179 19.15 29.61 -34.73
N GLY C 180 19.33 29.74 -33.42
CA GLY C 180 19.34 31.04 -32.78
C GLY C 180 19.77 30.90 -31.33
N ALA C 181 20.91 31.50 -31.01
CA ALA C 181 21.42 31.45 -29.65
C ALA C 181 20.28 31.59 -28.66
N ARG C 182 20.10 30.57 -27.84
CA ARG C 182 19.10 30.60 -26.76
C ARG C 182 19.21 31.93 -26.02
N ILE C 183 18.10 32.37 -25.43
CA ILE C 183 18.15 33.54 -24.58
C ILE C 183 18.76 33.13 -23.24
N SER C 185 20.62 33.90 -19.18
CA SER C 185 20.24 34.52 -17.90
C SER C 185 20.65 35.99 -17.81
N LEU C 186 19.82 36.81 -17.19
CA LEU C 186 20.18 38.21 -16.98
C LEU C 186 21.11 38.37 -15.79
N VAL C 187 21.16 37.35 -14.95
CA VAL C 187 22.09 37.34 -13.83
C VAL C 187 23.29 36.44 -14.14
N ASP C 188 23.06 35.44 -14.98
CA ASP C 188 24.13 34.51 -15.36
C ASP C 188 24.26 34.41 -16.88
N PRO C 189 24.93 35.42 -17.49
CA PRO C 189 25.09 35.53 -18.93
C PRO C 189 25.54 34.24 -19.62
N THR C 190 26.07 33.28 -18.87
CA THR C 190 26.55 32.03 -19.47
C THR C 190 25.63 30.84 -19.20
N LYS C 191 24.42 31.13 -18.72
CA LYS C 191 23.40 30.10 -18.48
C LYS C 191 22.04 30.55 -19.00
N SER C 192 21.29 29.61 -19.58
CA SER C 192 20.04 29.92 -20.27
C SER C 192 18.91 30.45 -19.35
N TYR C 194 15.28 29.87 -18.02
CA TYR C 194 14.08 29.07 -17.73
C TYR C 194 13.32 29.71 -16.57
N GLN C 195 12.03 29.40 -16.44
CA GLN C 195 11.23 29.94 -15.36
C GLN C 195 11.54 29.25 -14.03
N SER C 196 12.34 28.20 -14.11
CA SER C 196 12.70 27.42 -12.93
C SER C 196 13.73 28.16 -12.08
N ASP C 197 14.43 29.11 -12.70
CA ASP C 197 15.47 29.86 -12.01
C ASP C 197 14.93 30.54 -10.75
N PRO C 198 15.55 30.23 -9.59
CA PRO C 198 15.14 30.79 -8.30
C PRO C 198 15.25 32.31 -8.34
N ASN C 199 16.38 32.78 -8.82
CA ASN C 199 16.63 34.21 -9.02
C ASN C 199 15.58 34.79 -9.96
N PRO C 200 14.59 35.50 -9.39
CA PRO C 200 13.48 36.06 -10.17
C PRO C 200 13.91 37.26 -11.02
N LYS C 201 15.15 37.69 -10.84
CA LYS C 201 15.70 38.79 -11.63
C LYS C 201 16.45 38.25 -12.84
N ALA C 202 16.48 36.92 -12.98
CA ALA C 202 17.19 36.26 -14.08
C ALA C 202 16.33 36.13 -15.34
N TYR C 203 15.02 36.10 -15.16
CA TYR C 203 14.10 35.91 -16.27
C TYR C 203 13.06 37.03 -16.33
N ILE C 204 12.37 37.14 -17.46
CA ILE C 204 11.34 38.17 -17.61
C ILE C 204 10.01 37.62 -18.12
N THR C 205 9.11 37.35 -17.18
CA THR C 205 7.74 36.97 -17.49
C THR C 205 7.11 37.88 -18.53
N LEU C 206 6.52 37.29 -19.57
CA LEU C 206 5.83 38.05 -20.60
C LEU C 206 4.86 39.05 -19.99
N LEU C 207 4.39 38.75 -18.78
CA LEU C 207 3.36 39.56 -18.14
C LEU C 207 3.91 40.65 -17.20
N ASP C 208 5.23 40.83 -17.20
CA ASP C 208 5.88 41.87 -16.38
C ASP C 208 5.50 43.29 -16.81
N ASP C 209 5.45 44.21 -15.84
CA ASP C 209 5.21 45.63 -16.10
C ASP C 209 6.53 46.40 -16.14
N ALA C 210 6.48 47.59 -16.73
CA ALA C 210 7.68 48.40 -16.94
C ALA C 210 8.59 48.56 -15.72
N LYS C 211 7.99 48.77 -14.54
CA LYS C 211 8.77 49.02 -13.32
C LYS C 211 9.73 47.88 -12.98
N THR C 212 9.33 46.65 -13.30
CA THR C 212 10.15 45.48 -13.01
C THR C 212 11.08 45.18 -14.18
N ILE C 213 10.64 45.55 -15.38
CA ILE C 213 11.47 45.40 -16.58
C ILE C 213 12.69 46.30 -16.50
N GLU C 214 12.53 47.46 -15.84
CA GLU C 214 13.66 48.34 -15.59
C GLU C 214 14.70 47.62 -14.73
N LYS C 215 14.28 47.17 -13.55
CA LYS C 215 15.19 46.51 -12.61
C LYS C 215 15.99 45.35 -13.22
N LYS C 216 15.30 44.41 -13.85
CA LYS C 216 15.94 43.21 -14.39
C LYS C 216 16.88 43.48 -15.56
N ILE C 217 16.52 44.45 -16.40
CA ILE C 217 17.34 44.82 -17.56
C ILE C 217 18.57 45.61 -17.15
N LYS C 218 18.33 46.65 -16.35
CA LYS C 218 19.40 47.57 -15.95
C LYS C 218 20.26 47.01 -14.82
N SER C 219 19.81 45.90 -14.24
CA SER C 219 20.64 45.14 -13.28
C SER C 219 21.02 43.78 -13.86
N ALA C 220 21.50 43.78 -15.10
CA ALA C 220 21.89 42.55 -15.78
C ALA C 220 23.41 42.44 -15.90
N VAL C 221 23.93 41.26 -15.65
CA VAL C 221 25.38 41.01 -15.60
C VAL C 221 26.07 41.09 -16.96
N THR C 222 27.20 41.80 -17.00
CA THR C 222 27.98 41.98 -18.22
C THR C 222 29.46 41.73 -17.96
N ASP C 223 30.29 42.73 -18.27
CA ASP C 223 31.72 42.68 -18.01
C ASP C 223 32.23 44.08 -17.65
N SER C 224 33.39 44.16 -17.02
CA SER C 224 33.95 45.42 -16.54
C SER C 224 34.29 46.40 -17.67
N GLU C 225 34.17 45.93 -18.92
CA GLU C 225 34.57 46.71 -20.10
C GLU C 225 33.63 47.88 -20.40
N GLY C 226 33.44 48.19 -21.68
CA GLY C 226 32.58 49.30 -22.08
C GLY C 226 32.33 49.46 -23.56
N THR C 227 32.46 48.39 -24.33
CA THR C 227 32.18 48.45 -25.77
C THR C 227 31.08 47.46 -26.21
N ILE C 228 30.16 47.95 -27.02
CA ILE C 228 29.03 47.14 -27.50
C ILE C 228 29.43 46.22 -28.65
N ARG C 229 29.84 45.01 -28.30
CA ARG C 229 30.34 44.05 -29.29
C ARG C 229 29.92 42.62 -28.97
N TYR C 230 29.65 41.83 -30.00
CA TYR C 230 29.22 40.44 -29.80
C TYR C 230 30.36 39.49 -29.50
N ASP C 231 30.19 38.72 -28.43
CA ASP C 231 31.14 37.68 -28.05
C ASP C 231 30.52 36.91 -26.88
N LYS C 232 29.75 35.88 -27.21
CA LYS C 232 28.98 35.17 -26.19
C LYS C 232 29.87 34.68 -25.05
N GLU C 233 31.15 34.51 -25.36
CA GLU C 233 32.13 33.98 -24.39
C GLU C 233 32.70 35.05 -23.46
N ALA C 234 33.41 36.03 -24.04
CA ALA C 234 34.13 37.04 -23.26
C ALA C 234 33.28 38.24 -22.82
N LYS C 235 32.25 38.57 -23.61
CA LYS C 235 31.30 39.61 -23.23
C LYS C 235 29.90 38.99 -23.16
N PRO C 236 29.73 38.00 -22.25
CA PRO C 236 28.57 37.12 -22.27
C PRO C 236 27.28 37.84 -21.88
N GLY C 237 27.40 38.88 -21.07
CA GLY C 237 26.26 39.66 -20.67
C GLY C 237 25.78 40.54 -21.80
N ILE C 238 26.68 41.35 -22.34
CA ILE C 238 26.37 42.22 -23.46
C ILE C 238 25.88 41.41 -24.67
N SER C 239 26.61 40.36 -25.01
CA SER C 239 26.26 39.53 -26.17
C SER C 239 24.86 38.93 -26.03
N ASN C 240 24.40 38.82 -24.79
CA ASN C 240 23.05 38.35 -24.54
C ASN C 240 22.04 39.47 -24.81
N LEU C 241 22.16 40.55 -24.05
CA LEU C 241 21.31 41.71 -24.21
C LEU C 241 21.28 42.18 -25.66
N LEU C 242 22.42 42.04 -26.33
CA LEU C 242 22.54 42.40 -27.74
C LEU C 242 21.66 41.52 -28.62
N ASN C 243 21.74 40.21 -28.40
CA ASN C 243 20.92 39.26 -29.13
C ASN C 243 19.45 39.59 -28.96
N ILE C 244 19.07 39.84 -27.72
CA ILE C 244 17.70 40.21 -27.37
C ILE C 244 17.23 41.49 -28.08
N TYR C 245 18.12 42.46 -28.21
CA TYR C 245 17.80 43.71 -28.89
C TYR C 245 17.49 43.43 -30.37
N SER C 246 18.34 42.63 -30.99
CA SER C 246 18.27 42.35 -32.41
C SER C 246 16.91 41.76 -32.85
N THR C 247 16.56 40.63 -32.25
CA THR C 247 15.37 39.88 -32.64
C THR C 247 14.08 40.67 -32.38
N LEU C 248 14.07 41.41 -31.28
CA LEU C 248 12.91 42.23 -30.92
C LEU C 248 12.75 43.46 -31.81
N SER C 249 13.70 44.39 -31.67
CA SER C 249 13.67 45.67 -32.40
C SER C 249 13.71 45.50 -33.92
N GLY C 250 14.49 44.52 -34.39
CA GLY C 250 14.52 44.19 -35.80
C GLY C 250 15.86 44.36 -36.48
N GLN C 251 16.59 45.39 -36.06
CA GLN C 251 17.91 45.66 -36.60
C GLN C 251 18.92 44.62 -36.12
N SER C 252 19.83 44.22 -37.02
CA SER C 252 20.85 43.22 -36.71
C SER C 252 21.70 43.63 -35.50
N ILE C 253 22.45 42.67 -34.96
CA ILE C 253 23.38 42.97 -33.87
C ILE C 253 24.51 43.87 -34.35
N GLU C 254 25.08 43.52 -35.51
CA GLU C 254 26.18 44.28 -36.11
C GLU C 254 25.80 45.73 -36.34
N GLU C 255 24.60 45.93 -36.90
CA GLU C 255 24.09 47.28 -37.14
C GLU C 255 23.94 48.05 -35.82
N LEU C 256 23.62 47.32 -34.76
CA LEU C 256 23.49 47.91 -33.43
C LEU C 256 24.86 48.12 -32.80
N GLU C 257 25.86 47.44 -33.33
CA GLU C 257 27.23 47.63 -32.88
C GLU C 257 27.75 48.98 -33.40
N ARG C 258 27.39 49.27 -34.65
CA ARG C 258 27.78 50.51 -35.31
C ARG C 258 26.99 51.70 -34.78
N GLN C 259 25.76 51.42 -34.36
CA GLN C 259 24.89 52.44 -33.78
C GLN C 259 25.22 52.65 -32.30
N TYR C 260 25.73 51.61 -31.64
CA TYR C 260 26.13 51.68 -30.24
C TYR C 260 27.64 51.55 -30.07
N GLU C 261 28.37 52.00 -31.10
CA GLU C 261 29.81 52.18 -30.97
C GLU C 261 30.05 53.57 -30.41
N GLY C 262 31.02 53.69 -29.51
CA GLY C 262 31.28 54.95 -28.84
C GLY C 262 30.34 55.12 -27.68
N LYS C 263 29.57 54.08 -27.38
CA LYS C 263 28.64 54.10 -26.25
C LYS C 263 28.99 53.00 -25.26
N GLY C 264 28.22 52.92 -24.17
CA GLY C 264 28.51 51.97 -23.10
C GLY C 264 27.32 51.17 -22.57
N TYR C 265 27.32 50.95 -21.26
CA TYR C 265 26.31 50.11 -20.60
C TYR C 265 25.26 50.94 -19.85
N GLY C 266 25.14 52.22 -20.20
CA GLY C 266 24.17 53.09 -19.58
C GLY C 266 23.03 53.43 -20.53
N VAL C 267 23.38 53.76 -21.77
CA VAL C 267 22.39 54.08 -22.79
C VAL C 267 21.91 52.81 -23.48
N PHE C 268 22.75 51.78 -23.42
CA PHE C 268 22.44 50.51 -24.07
C PHE C 268 21.45 49.68 -23.24
N LYS C 269 21.39 49.97 -21.95
CA LYS C 269 20.39 49.36 -21.07
C LYS C 269 19.26 50.35 -20.84
N ALA C 270 19.34 51.49 -21.52
CA ALA C 270 18.32 52.51 -21.41
C ALA C 270 17.24 52.26 -22.46
N ASP C 271 17.68 51.96 -23.67
CA ASP C 271 16.75 51.75 -24.77
C ASP C 271 16.25 50.32 -24.84
N LEU C 272 17.07 49.37 -24.38
CA LEU C 272 16.67 47.97 -24.37
C LEU C 272 15.36 47.79 -23.60
N ALA C 273 15.32 48.36 -22.40
CA ALA C 273 14.11 48.33 -21.59
C ALA C 273 12.97 49.04 -22.31
N GLN C 274 13.32 50.01 -23.15
CA GLN C 274 12.32 50.75 -23.90
C GLN C 274 11.72 49.88 -25.01
N VAL C 275 12.53 48.97 -25.54
CA VAL C 275 12.09 48.06 -26.59
C VAL C 275 11.31 46.88 -26.03
N VAL C 276 11.80 46.31 -24.92
CA VAL C 276 11.08 45.25 -24.24
C VAL C 276 9.69 45.70 -23.83
N ILE C 277 9.63 46.84 -23.12
CA ILE C 277 8.38 47.41 -22.65
C ILE C 277 7.47 47.83 -23.81
N GLU C 278 8.08 48.31 -24.90
CA GLU C 278 7.32 48.73 -26.07
C GLU C 278 6.77 47.51 -26.82
N THR C 279 7.51 46.41 -26.74
CA THR C 279 7.13 45.17 -27.40
C THR C 279 6.10 44.38 -26.57
N LEU C 280 6.20 44.50 -25.24
CA LEU C 280 5.25 43.82 -24.34
C LEU C 280 3.94 44.58 -24.14
N ARG C 281 3.97 45.89 -24.39
CA ARG C 281 2.81 46.76 -24.12
C ARG C 281 1.49 46.34 -24.83
N PRO C 282 1.56 46.07 -26.15
CA PRO C 282 0.30 45.67 -26.80
C PRO C 282 -0.06 44.23 -26.43
N ILE C 283 0.93 43.40 -26.14
CA ILE C 283 0.64 42.04 -25.71
C ILE C 283 -0.29 42.08 -24.48
N GLN C 284 0.20 42.65 -23.39
CA GLN C 284 -0.63 42.80 -22.19
C GLN C 284 -1.93 43.56 -22.47
N GLU C 285 -1.89 44.52 -23.40
CA GLU C 285 -3.11 45.24 -23.80
C GLU C 285 -4.17 44.27 -24.31
N ARG C 286 -3.81 43.49 -25.33
CA ARG C 286 -4.73 42.49 -25.87
C ARG C 286 -4.97 41.39 -24.81
N TYR C 287 -3.94 41.05 -24.05
CA TYR C 287 -4.07 40.05 -22.99
C TYR C 287 -5.21 40.37 -22.03
N HIS C 288 -5.13 41.51 -21.35
CA HIS C 288 -6.14 41.90 -20.36
C HIS C 288 -7.52 42.00 -20.98
N HIS C 289 -7.59 42.36 -22.26
CA HIS C 289 -8.88 42.46 -22.94
C HIS C 289 -9.50 41.09 -23.18
N TRP C 290 -8.65 40.07 -23.37
CA TRP C 290 -9.11 38.69 -23.48
C TRP C 290 -9.55 38.21 -22.12
N GLU C 292 -10.69 39.73 -19.69
CA GLU C 292 -11.95 40.37 -19.28
C GLU C 292 -13.15 40.08 -20.19
N SER C 293 -12.93 39.43 -21.32
CA SER C 293 -14.00 39.20 -22.28
C SER C 293 -14.62 37.80 -22.26
N GLU C 294 -15.90 37.75 -22.56
CA GLU C 294 -16.63 36.49 -22.68
C GLU C 294 -16.22 35.77 -23.95
N GLU C 295 -15.33 36.39 -24.72
CA GLU C 295 -14.94 35.85 -26.02
C GLU C 295 -13.90 34.75 -25.86
N LEU C 296 -13.09 34.87 -24.81
CA LEU C 296 -12.08 33.87 -24.49
C LEU C 296 -12.76 32.54 -24.24
N ASP C 297 -14.01 32.57 -23.78
CA ASP C 297 -14.75 31.34 -23.53
C ASP C 297 -15.34 30.86 -24.83
N ARG C 298 -15.80 31.78 -25.67
CA ARG C 298 -16.42 31.34 -26.92
C ARG C 298 -15.41 30.74 -27.88
N VAL C 299 -14.13 31.06 -27.68
CA VAL C 299 -13.09 30.50 -28.51
C VAL C 299 -12.72 29.10 -28.03
N LEU C 300 -12.49 28.97 -26.73
CA LEU C 300 -12.16 27.68 -26.13
C LEU C 300 -13.24 26.62 -26.34
N ASP C 301 -14.49 27.06 -26.37
CA ASP C 301 -15.56 26.16 -26.80
C ASP C 301 -15.29 25.75 -28.23
N GLU C 302 -15.28 26.73 -29.14
CA GLU C 302 -15.14 26.40 -30.56
C GLU C 302 -13.93 25.51 -30.79
N GLY C 303 -12.85 25.84 -30.08
CA GLY C 303 -11.63 25.06 -30.11
C GLY C 303 -11.91 23.62 -29.76
N ALA C 304 -12.63 23.42 -28.67
CA ALA C 304 -12.92 22.07 -28.21
C ALA C 304 -13.76 21.27 -29.20
N GLU C 305 -14.80 21.85 -29.78
CA GLU C 305 -15.57 21.10 -30.79
C GLU C 305 -14.66 20.68 -31.94
N LYS C 306 -13.92 21.64 -32.47
CA LYS C 306 -12.92 21.34 -33.50
C LYS C 306 -12.09 20.12 -33.08
N ALA C 307 -11.49 20.18 -31.90
CA ALA C 307 -10.61 19.11 -31.45
C ALA C 307 -11.38 17.84 -31.19
N ASN C 308 -12.53 17.94 -30.55
CA ASN C 308 -13.33 16.76 -30.23
C ASN C 308 -13.88 16.04 -31.45
N ARG C 309 -14.05 16.78 -32.55
CA ARG C 309 -14.60 16.19 -33.77
C ARG C 309 -13.57 15.32 -34.52
N VAL C 310 -12.30 15.72 -34.42
CA VAL C 310 -11.21 14.94 -34.99
C VAL C 310 -10.81 13.82 -34.02
N ALA C 311 -10.61 14.19 -32.76
CA ALA C 311 -10.10 13.26 -31.76
C ALA C 311 -10.98 12.07 -31.49
N SER C 312 -12.30 12.26 -31.57
CA SER C 312 -13.20 11.19 -31.18
C SER C 312 -13.43 10.24 -32.36
N GLU C 313 -13.17 10.73 -33.55
CA GLU C 313 -13.28 9.88 -34.73
C GLU C 313 -12.12 8.90 -34.74
N VAL C 315 -10.40 7.82 -32.01
CA VAL C 315 -10.81 6.89 -30.95
C VAL C 315 -11.73 5.78 -31.48
N ARG C 316 -12.73 6.16 -32.26
CA ARG C 316 -13.59 5.17 -32.87
C ARG C 316 -12.80 4.23 -33.79
N LYS C 317 -11.89 4.75 -34.62
CA LYS C 317 -11.06 3.89 -35.50
C LYS C 317 -10.16 2.96 -34.71
N GLU C 319 -10.80 1.80 -31.31
CA GLU C 319 -11.70 0.80 -30.74
C GLU C 319 -12.11 -0.27 -31.73
N GLN C 320 -12.36 0.14 -32.98
CA GLN C 320 -12.67 -0.78 -34.05
C GLN C 320 -11.49 -1.70 -34.33
N ALA C 321 -10.29 -1.16 -34.22
CA ALA C 321 -9.09 -1.95 -34.52
C ALA C 321 -8.80 -2.93 -33.41
N GLY C 323 -11.05 -4.20 -31.12
CA GLY C 323 -12.16 -5.06 -30.78
C GLY C 323 -13.15 -4.43 -29.79
N LEU C 324 -12.70 -3.42 -29.05
CA LEU C 324 -13.54 -2.76 -28.05
C LEU C 324 -14.94 -2.37 -28.55
N GLY C 325 -15.93 -2.38 -27.66
CA GLY C 325 -17.28 -1.89 -27.94
C GLY C 325 -18.01 -2.57 -29.08
N ARG C 326 -18.65 -1.80 -29.95
CA ARG C 326 -19.48 -2.39 -31.01
C ARG C 326 -19.47 -1.76 -32.41
N ARG C 327 -20.31 -2.34 -33.26
CA ARG C 327 -20.75 -1.75 -34.51
C ARG C 327 -19.61 -1.41 -35.45
N LYS D 2 27.24 -31.04 12.65
CA LYS D 2 26.09 -30.36 12.05
C LYS D 2 24.85 -30.48 12.95
N THR D 3 24.02 -29.43 12.98
CA THR D 3 22.79 -29.42 13.76
C THR D 3 21.59 -29.50 12.83
N ILE D 4 20.65 -30.40 13.13
CA ILE D 4 19.39 -30.48 12.38
C ILE D 4 18.28 -29.93 13.28
N PHE D 5 17.23 -29.36 12.69
CA PHE D 5 16.14 -28.81 13.48
C PHE D 5 14.76 -29.22 12.97
N SER D 6 14.05 -30.02 13.76
CA SER D 6 12.72 -30.45 13.39
C SER D 6 11.66 -29.77 14.25
N ALA D 7 10.73 -29.09 13.58
CA ALA D 7 9.63 -28.45 14.25
C ALA D 7 8.41 -29.32 14.06
N ILE D 8 7.91 -29.91 15.14
CA ILE D 8 6.72 -30.74 15.03
C ILE D 8 5.58 -29.99 15.61
N CYS D 9 4.46 -29.94 14.87
CA CYS D 9 3.24 -29.28 15.34
C CYS D 9 2.47 -30.28 16.17
N PRO D 10 2.00 -29.86 17.37
CA PRO D 10 1.30 -30.81 18.24
C PRO D 10 -0.17 -30.87 17.86
N THR D 11 -0.46 -30.79 16.57
CA THR D 11 -1.82 -30.79 16.07
C THR D 11 -1.99 -31.92 15.06
N GLY D 12 -2.98 -32.76 15.29
CA GLY D 12 -3.14 -33.95 14.48
C GLY D 12 -2.21 -35.04 15.03
N VAL D 13 -2.09 -36.14 14.29
CA VAL D 13 -1.28 -37.26 14.78
C VAL D 13 -0.26 -37.76 13.75
N ILE D 14 0.57 -38.72 14.18
CA ILE D 14 1.72 -39.19 13.41
C ILE D 14 1.40 -40.44 12.58
N THR D 15 1.37 -40.27 11.26
CA THR D 15 1.06 -41.36 10.33
C THR D 15 2.18 -42.39 10.22
N ILE D 16 1.88 -43.52 9.59
CA ILE D 16 2.90 -44.46 9.16
C ILE D 16 3.87 -43.82 8.17
N GLY D 17 3.30 -43.16 7.16
CA GLY D 17 4.05 -42.49 6.13
C GLY D 17 5.09 -41.52 6.66
N ARG D 18 4.74 -40.78 7.71
CA ARG D 18 5.70 -39.89 8.35
C ARG D 18 6.74 -40.67 9.14
N TYR D 19 6.32 -41.75 9.77
CA TYR D 19 7.23 -42.61 10.53
C TYR D 19 8.25 -43.29 9.61
N ILE D 20 7.75 -43.86 8.52
CA ILE D 20 8.58 -44.56 7.56
C ILE D 20 9.50 -43.62 6.82
N GLY D 21 8.90 -42.60 6.22
CA GLY D 21 9.61 -41.67 5.35
C GLY D 21 10.34 -40.54 6.04
N ALA D 22 10.31 -40.50 7.37
CA ALA D 22 10.87 -39.39 8.12
C ALA D 22 11.33 -39.72 9.55
N LEU D 23 10.43 -40.23 10.37
CA LEU D 23 10.67 -40.32 11.81
C LEU D 23 11.62 -41.44 12.22
N ARG D 24 11.54 -42.57 11.53
CA ARG D 24 12.34 -43.72 11.92
C ARG D 24 13.82 -43.43 11.68
N GLN D 25 14.14 -42.75 10.58
CA GLN D 25 15.52 -42.38 10.28
C GLN D 25 16.14 -41.56 11.41
N PHE D 26 15.32 -40.73 12.05
CA PHE D 26 15.84 -39.81 13.05
C PHE D 26 16.37 -40.52 14.25
N VAL D 27 15.93 -41.75 14.43
CA VAL D 27 16.43 -42.58 15.51
C VAL D 27 17.93 -42.85 15.34
N GLU D 28 18.39 -42.81 14.09
CA GLU D 28 19.82 -42.93 13.79
C GLU D 28 20.48 -41.55 13.62
N LEU D 29 19.83 -40.70 12.84
CA LEU D 29 20.34 -39.34 12.66
C LEU D 29 20.73 -38.68 13.98
N GLN D 30 20.02 -38.97 15.06
CA GLN D 30 20.36 -38.36 16.34
C GLN D 30 21.74 -38.77 16.87
N HIS D 31 22.37 -39.76 16.24
CA HIS D 31 23.74 -40.14 16.62
C HIS D 31 24.78 -39.63 15.62
N GLU D 32 24.31 -39.13 14.50
CA GLU D 32 25.17 -38.65 13.45
C GLU D 32 25.07 -37.14 13.30
N TYR D 33 24.22 -36.53 14.12
CA TYR D 33 23.98 -35.08 14.08
C TYR D 33 23.54 -34.57 15.46
N ASN D 34 23.72 -33.29 15.68
CA ASN D 34 23.19 -32.62 16.88
C ASN D 34 21.74 -32.23 16.60
N CYS D 35 20.78 -32.98 17.17
CA CYS D 35 19.37 -32.78 16.82
C CYS D 35 18.50 -32.08 17.87
N TYR D 36 17.59 -31.27 17.35
CA TYR D 36 16.56 -30.62 18.14
C TYR D 36 15.24 -31.09 17.61
N PHE D 37 14.39 -31.60 18.50
CA PHE D 37 13.00 -31.83 18.15
C PHE D 37 12.18 -30.91 19.03
N CYS D 38 11.52 -29.95 18.40
CA CYS D 38 10.81 -28.92 19.12
C CYS D 38 9.33 -29.07 18.92
N ILE D 39 8.59 -29.17 20.02
CA ILE D 39 7.15 -29.28 19.89
C ILE D 39 6.56 -27.89 19.79
N ALA D 40 5.96 -27.62 18.63
CA ALA D 40 5.60 -26.28 18.20
C ALA D 40 4.22 -25.84 18.63
N ASP D 41 3.99 -25.81 19.94
CA ASP D 41 2.69 -25.41 20.46
C ASP D 41 2.37 -23.98 20.06
N GLN D 42 3.32 -23.06 20.22
CA GLN D 42 3.11 -21.66 19.83
C GLN D 42 2.63 -21.52 18.38
N SER D 43 2.84 -22.56 17.58
CA SER D 43 2.53 -22.50 16.16
C SER D 43 1.13 -23.06 15.89
N ALA D 44 0.66 -23.87 16.83
CA ALA D 44 -0.70 -24.38 16.80
C ALA D 44 -1.77 -23.29 16.90
N ILE D 45 -1.61 -22.36 17.85
CA ILE D 45 -2.66 -21.37 18.17
C ILE D 45 -2.84 -20.26 17.14
N THR D 46 -2.33 -20.46 15.94
CA THR D 46 -2.62 -19.53 14.87
C THR D 46 -4.05 -19.77 14.36
N VAL D 47 -4.66 -20.86 14.85
CA VAL D 47 -6.06 -21.18 14.59
C VAL D 47 -6.64 -21.82 15.85
N TRP D 48 -7.96 -21.91 15.94
CA TRP D 48 -8.57 -22.33 17.19
C TRP D 48 -8.04 -23.70 17.61
N GLN D 49 -7.58 -23.81 18.86
CA GLN D 49 -7.33 -25.09 19.52
C GLN D 49 -8.18 -25.18 20.79
N ASP D 50 -8.83 -26.31 21.03
CA ASP D 50 -9.40 -26.49 22.36
C ASP D 50 -8.24 -26.63 23.34
N PRO D 51 -8.19 -25.75 24.35
CA PRO D 51 -7.06 -25.72 25.28
C PRO D 51 -6.70 -27.08 25.84
N HIS D 52 -7.69 -27.82 26.33
CA HIS D 52 -7.45 -29.12 26.96
C HIS D 52 -6.86 -30.14 25.98
N GLU D 53 -7.36 -30.13 24.74
CA GLU D 53 -6.85 -31.03 23.70
C GLU D 53 -5.40 -30.70 23.40
N LEU D 54 -5.13 -29.42 23.16
CA LEU D 54 -3.79 -28.97 22.83
C LEU D 54 -2.80 -29.41 23.88
N ARG D 55 -3.19 -29.31 25.15
CA ARG D 55 -2.29 -29.70 26.23
C ARG D 55 -2.00 -31.18 26.24
N GLN D 56 -2.90 -31.96 25.64
CA GLN D 56 -2.76 -33.42 25.56
C GLN D 56 -1.77 -33.78 24.48
N ASN D 57 -2.12 -33.43 23.25
CA ASN D 57 -1.26 -33.67 22.09
C ASN D 57 0.18 -33.33 22.41
N ILE D 58 0.39 -32.14 22.96
CA ILE D 58 1.71 -31.73 23.41
C ILE D 58 2.35 -32.80 24.30
N ARG D 59 1.54 -33.43 25.16
CA ARG D 59 2.06 -34.46 26.04
C ARG D 59 2.21 -35.76 25.25
N ARG D 60 1.18 -36.10 24.48
CA ARG D 60 1.24 -37.25 23.61
C ARG D 60 2.48 -37.17 22.72
N LEU D 61 2.52 -36.18 21.83
CA LEU D 61 3.64 -36.04 20.89
C LEU D 61 4.97 -36.21 21.60
N ALA D 62 5.16 -35.54 22.73
CA ALA D 62 6.39 -35.69 23.49
C ALA D 62 6.71 -37.13 23.84
N ALA D 63 5.70 -37.97 24.01
CA ALA D 63 5.94 -39.36 24.41
C ALA D 63 6.10 -40.29 23.21
N LEU D 64 5.21 -40.13 22.24
CA LEU D 64 5.29 -40.82 20.96
C LEU D 64 6.74 -40.77 20.46
N TYR D 65 7.39 -39.63 20.67
CA TYR D 65 8.76 -39.43 20.22
C TYR D 65 9.80 -40.19 21.03
N LEU D 66 9.73 -40.09 22.36
CA LEU D 66 10.62 -40.87 23.21
C LEU D 66 10.37 -42.35 22.93
N ALA D 67 9.15 -42.65 22.52
CA ALA D 67 8.68 -44.03 22.39
C ALA D 67 9.35 -44.70 21.23
N VAL D 68 9.48 -43.91 20.18
CA VAL D 68 9.94 -44.39 18.91
C VAL D 68 11.45 -44.62 18.91
N GLY D 69 12.13 -44.09 19.93
CA GLY D 69 13.57 -44.24 20.04
C GLY D 69 14.41 -42.97 20.19
N ILE D 70 13.78 -41.81 20.37
CA ILE D 70 14.51 -40.55 20.51
C ILE D 70 15.21 -40.41 21.87
N ASP D 71 16.47 -40.81 21.93
CA ASP D 71 17.31 -40.62 23.12
C ASP D 71 17.38 -39.14 23.53
N PRO D 72 16.87 -38.80 24.72
CA PRO D 72 16.94 -37.39 25.16
C PRO D 72 18.31 -37.00 25.71
N THR D 73 19.27 -37.92 25.68
CA THR D 73 20.61 -37.60 26.13
C THR D 73 21.53 -37.46 24.93
N GLN D 74 20.96 -37.54 23.74
CA GLN D 74 21.68 -37.37 22.49
C GLN D 74 21.08 -36.21 21.69
N ALA D 75 19.85 -35.84 22.07
CA ALA D 75 19.02 -34.98 21.27
C ALA D 75 18.17 -34.05 22.13
N THR D 76 18.00 -32.80 21.69
CA THR D 76 17.22 -31.87 22.49
C THR D 76 15.76 -31.91 22.11
N LEU D 77 14.92 -32.38 23.04
CA LEU D 77 13.47 -32.44 22.83
C LEU D 77 12.81 -31.48 23.81
N PHE D 78 11.98 -30.58 23.31
CA PHE D 78 11.49 -29.49 24.15
C PHE D 78 10.23 -28.85 23.58
N ILE D 79 9.52 -28.12 24.44
CA ILE D 79 8.30 -27.45 24.01
C ILE D 79 8.57 -25.97 23.70
N ALA D 80 8.12 -25.50 22.55
CA ALA D 80 8.48 -24.14 22.09
C ALA D 80 8.11 -23.07 23.10
N SER D 81 6.88 -23.12 23.58
CA SER D 81 6.38 -22.10 24.47
C SER D 81 7.22 -21.94 25.72
N GLU D 82 8.10 -22.90 26.01
CA GLU D 82 8.90 -22.85 27.23
C GLU D 82 10.28 -22.24 27.02
N VAL D 83 10.52 -21.74 25.82
CA VAL D 83 11.70 -20.96 25.49
C VAL D 83 11.17 -19.57 25.08
N PRO D 84 11.32 -18.59 25.96
CA PRO D 84 10.79 -17.26 25.60
C PRO D 84 11.56 -16.66 24.44
N ALA D 85 12.79 -17.11 24.25
CA ALA D 85 13.62 -16.58 23.17
C ALA D 85 13.02 -16.78 21.78
N HIS D 86 12.14 -17.78 21.60
CA HIS D 86 11.49 -17.98 20.30
C HIS D 86 10.60 -16.80 19.89
N ALA D 87 9.93 -16.21 20.88
CA ALA D 87 9.00 -15.14 20.61
C ALA D 87 9.76 -13.83 20.57
N GLN D 88 10.89 -13.78 21.28
CA GLN D 88 11.74 -12.59 21.29
C GLN D 88 12.22 -12.39 19.87
N ALA D 89 12.96 -13.38 19.38
CA ALA D 89 13.53 -13.34 18.04
C ALA D 89 12.48 -13.24 16.93
N ALA D 90 11.30 -13.80 17.15
CA ALA D 90 10.27 -13.75 16.12
C ALA D 90 9.81 -12.33 15.88
N TRP D 91 9.85 -11.51 16.92
CA TRP D 91 9.52 -10.10 16.78
C TRP D 91 10.57 -9.39 15.90
N LEU D 93 12.58 -10.78 13.68
CA LEU D 93 12.39 -11.21 12.30
C LEU D 93 11.09 -10.69 11.68
N GLN D 94 10.02 -10.55 12.46
CA GLN D 94 8.84 -9.86 11.92
C GLN D 94 9.16 -8.45 11.45
N CYS D 95 10.18 -7.83 12.05
CA CYS D 95 10.52 -6.44 11.74
C CYS D 95 11.35 -6.32 10.46
N ILE D 96 11.87 -7.46 10.00
CA ILE D 96 12.72 -7.57 8.82
C ILE D 96 11.90 -7.97 7.60
N VAL D 97 11.12 -9.02 7.77
CA VAL D 97 10.29 -9.60 6.71
C VAL D 97 9.28 -8.60 6.16
N TYR D 98 8.96 -8.75 4.87
CA TYR D 98 8.03 -7.86 4.16
C TYR D 98 6.65 -8.47 4.08
N ILE D 99 5.61 -7.63 4.08
CA ILE D 99 4.26 -8.18 4.11
C ILE D 99 4.02 -8.99 2.86
N GLY D 100 4.45 -8.46 1.73
CA GLY D 100 4.44 -9.19 0.47
C GLY D 100 4.92 -10.63 0.58
N GLU D 101 6.07 -10.83 1.21
CA GLU D 101 6.62 -12.15 1.49
C GLU D 101 5.67 -12.98 2.35
N LEU D 102 5.15 -12.39 3.43
CA LEU D 102 4.18 -13.09 4.26
C LEU D 102 2.94 -13.54 3.48
N GLU D 103 2.45 -12.69 2.58
CA GLU D 103 1.21 -12.96 1.87
C GLU D 103 1.29 -14.08 0.82
N ARG D 104 2.45 -14.29 0.20
CA ARG D 104 2.57 -15.25 -0.90
C ARG D 104 2.50 -16.71 -0.45
N THR D 106 1.60 -20.06 0.15
CA THR D 106 0.46 -20.84 -0.32
C THR D 106 -0.44 -21.19 0.85
N LEU D 107 0.17 -21.69 1.91
CA LEU D 107 -0.54 -22.11 3.12
C LEU D 107 -1.43 -21.03 3.70
N PHE D 108 -1.04 -19.77 3.52
CA PHE D 108 -1.82 -18.66 4.02
C PHE D 108 -2.84 -18.21 2.99
N LYS D 109 -2.55 -18.45 1.71
CA LYS D 109 -3.51 -18.18 0.64
C LYS D 109 -4.69 -19.14 0.72
N GLU D 110 -4.48 -20.30 1.33
CA GLU D 110 -5.53 -21.32 1.33
C GLU D 110 -6.50 -21.12 2.47
N LEU D 111 -5.98 -21.03 3.68
CA LEU D 111 -6.83 -20.83 4.84
C LEU D 111 -7.49 -19.45 4.82
N SER D 112 -6.81 -18.46 4.26
CA SER D 112 -7.39 -17.13 4.13
C SER D 112 -8.54 -17.09 3.12
N ALA D 113 -8.63 -18.13 2.28
CA ALA D 113 -9.75 -18.27 1.35
C ALA D 113 -10.98 -18.84 2.04
N GLY D 114 -12.01 -18.01 2.17
CA GLY D 114 -13.21 -18.38 2.89
C GLY D 114 -13.78 -17.17 3.64
N LYS D 115 -13.79 -17.26 4.96
CA LYS D 115 -14.29 -16.17 5.79
C LYS D 115 -13.38 -14.95 5.73
N GLU D 116 -13.63 -14.00 6.62
CA GLU D 116 -12.74 -12.86 6.82
C GLU D 116 -12.00 -13.06 8.14
N ALA D 117 -12.51 -13.99 8.95
CA ALA D 117 -11.92 -14.27 10.25
C ALA D 117 -10.60 -15.02 10.11
N VAL D 118 -9.54 -14.29 9.82
CA VAL D 118 -8.20 -14.86 9.86
C VAL D 118 -7.37 -14.10 10.88
N SER D 119 -6.88 -14.79 11.90
CA SER D 119 -6.02 -14.18 12.90
C SER D 119 -4.75 -13.72 12.22
N ALA D 120 -3.98 -12.88 12.89
CA ALA D 120 -2.79 -12.33 12.25
C ALA D 120 -1.61 -13.30 12.33
N GLY D 121 -1.64 -14.18 13.32
CA GLY D 121 -0.56 -15.12 13.56
C GLY D 121 -0.41 -16.09 12.41
N LEU D 122 -1.54 -16.45 11.83
CA LEU D 122 -1.55 -17.22 10.61
C LEU D 122 -0.63 -16.50 9.62
N LEU D 123 -0.96 -15.24 9.33
CA LEU D 123 -0.13 -14.42 8.43
C LEU D 123 1.33 -14.37 8.84
N THR D 124 1.58 -13.94 10.07
CA THR D 124 2.95 -13.73 10.52
C THR D 124 3.56 -14.97 11.13
N HIS D 125 3.16 -16.14 10.66
CA HIS D 125 3.78 -17.36 11.18
C HIS D 125 5.19 -17.65 10.68
N PRO D 126 5.47 -17.36 9.39
CA PRO D 126 6.80 -17.71 8.89
C PRO D 126 7.94 -17.21 9.77
N PRO D 127 7.81 -15.99 10.32
CA PRO D 127 8.94 -15.53 11.14
C PRO D 127 9.09 -16.31 12.44
N ILE D 128 8.00 -16.81 13.01
CA ILE D 128 8.14 -17.59 14.23
C ILE D 128 8.88 -18.86 13.87
N TYR D 129 8.55 -19.44 12.71
CA TYR D 129 9.23 -20.65 12.25
C TYR D 129 10.69 -20.38 12.05
N ALA D 130 10.98 -19.34 11.30
CA ALA D 130 12.35 -18.95 11.02
C ALA D 130 13.19 -18.78 12.29
N ALA D 131 12.58 -18.29 13.37
CA ALA D 131 13.32 -18.01 14.59
C ALA D 131 13.67 -19.28 15.34
N ILE D 133 14.34 -22.01 13.83
CA ILE D 133 15.41 -22.58 13.02
C ILE D 133 16.69 -21.82 13.22
N LEU D 134 16.61 -20.48 13.19
CA LEU D 134 17.80 -19.65 13.24
C LEU D 134 18.40 -19.50 14.62
N LEU D 135 17.60 -19.73 15.64
CA LEU D 135 18.07 -19.53 17.02
C LEU D 135 19.22 -20.47 17.35
N TYR D 136 19.16 -21.70 16.84
CA TYR D 136 20.14 -22.71 17.22
C TYR D 136 21.25 -22.94 16.18
N ASN D 137 21.49 -21.96 15.32
CA ASN D 137 22.54 -22.08 14.33
C ASN D 137 22.42 -23.41 13.61
N THR D 138 21.22 -23.64 13.11
CA THR D 138 20.89 -24.87 12.44
C THR D 138 21.56 -24.93 11.08
N ASP D 139 22.21 -26.05 10.78
CA ASP D 139 22.84 -26.18 9.47
C ASP D 139 21.90 -26.90 8.50
N ILE D 140 20.99 -27.71 9.03
CA ILE D 140 20.13 -28.51 8.18
C ILE D 140 18.69 -28.55 8.66
N VAL D 141 17.76 -28.37 7.72
CA VAL D 141 16.34 -28.43 8.01
C VAL D 141 15.69 -29.45 7.11
N PRO D 142 14.87 -30.34 7.66
CA PRO D 142 14.10 -31.21 6.78
C PRO D 142 12.99 -30.44 6.08
N VAL D 143 13.02 -30.40 4.75
CA VAL D 143 12.00 -29.68 4.01
C VAL D 143 10.84 -30.58 3.60
N GLY D 144 10.96 -31.23 2.45
CA GLY D 144 9.87 -32.05 1.97
C GLY D 144 8.93 -31.31 1.03
N GLU D 145 7.75 -31.90 0.82
CA GLU D 145 6.85 -31.48 -0.26
C GLU D 145 6.41 -30.04 -0.13
N TYR D 146 5.68 -29.76 0.95
CA TYR D 146 5.25 -28.41 1.24
C TYR D 146 6.08 -27.91 2.40
N GLY D 147 6.58 -26.69 2.28
CA GLY D 147 7.48 -26.16 3.29
C GLY D 147 8.75 -25.68 2.63
N LYS D 148 8.88 -25.96 1.33
CA LYS D 148 9.95 -25.39 0.56
C LYS D 148 9.84 -23.89 0.68
N GLN D 149 8.62 -23.39 0.58
CA GLN D 149 8.39 -21.96 0.54
C GLN D 149 8.86 -21.33 1.84
N LEU D 150 8.58 -22.05 2.93
CA LEU D 150 8.83 -21.58 4.27
C LEU D 150 10.30 -21.69 4.56
N TYR D 151 10.90 -22.69 3.94
CA TYR D 151 12.34 -22.90 4.02
C TYR D 151 13.10 -21.77 3.30
N GLU D 152 12.71 -21.46 2.06
CA GLU D 152 13.37 -20.40 1.29
C GLU D 152 13.29 -19.07 2.01
N LEU D 153 12.12 -18.76 2.55
CA LEU D 153 11.93 -17.52 3.29
C LEU D 153 12.86 -17.44 4.49
N THR D 154 12.89 -18.49 5.32
CA THR D 154 13.86 -18.53 6.42
C THR D 154 15.26 -18.12 5.98
N ARG D 155 15.74 -18.76 4.92
CA ARG D 155 17.08 -18.51 4.38
C ARG D 155 17.22 -17.03 4.02
N ASP D 156 16.23 -16.51 3.30
CA ASP D 156 16.16 -15.07 3.00
C ASP D 156 16.35 -14.21 4.24
N LEU D 157 15.48 -14.39 5.23
CA LEU D 157 15.53 -13.62 6.48
C LEU D 157 16.89 -13.67 7.18
N ALA D 158 17.57 -14.83 7.12
CA ALA D 158 18.87 -14.94 7.77
C ALA D 158 19.90 -14.13 7.01
N GLU D 159 19.80 -14.15 5.69
CA GLU D 159 20.72 -13.39 4.88
C GLU D 159 20.47 -11.91 5.09
N ARG D 160 19.19 -11.50 5.08
CA ARG D 160 18.82 -10.09 5.29
C ARG D 160 19.26 -9.57 6.65
N PHE D 161 19.11 -10.39 7.68
CA PHE D 161 19.62 -9.98 8.98
C PHE D 161 21.14 -9.86 8.97
N ASN D 162 21.82 -10.91 8.51
CA ASN D 162 23.27 -10.86 8.36
C ASN D 162 23.71 -9.62 7.57
N LYS D 163 22.97 -9.29 6.52
CA LYS D 163 23.31 -8.18 5.64
C LYS D 163 23.27 -6.85 6.37
N ARG D 164 22.16 -6.62 7.07
CA ARG D 164 21.89 -5.34 7.70
C ARG D 164 22.64 -5.13 9.02
N TYR D 165 22.77 -6.17 9.83
CA TYR D 165 23.26 -5.98 11.20
C TYR D 165 24.55 -6.74 11.52
N GLY D 166 25.14 -7.39 10.52
CA GLY D 166 26.31 -8.24 10.75
C GLY D 166 26.06 -9.75 10.61
N GLU D 167 27.11 -10.53 10.45
CA GLU D 167 26.92 -11.97 10.28
C GLU D 167 26.70 -12.65 11.61
N LEU D 168 25.48 -13.14 11.80
CA LEU D 168 25.08 -13.71 13.07
C LEU D 168 24.63 -15.14 12.85
N PHE D 169 23.78 -15.33 11.85
CA PHE D 169 23.13 -16.61 11.59
C PHE D 169 23.87 -17.48 10.57
N THR D 170 23.81 -18.79 10.78
CA THR D 170 24.19 -19.76 9.77
C THR D 170 23.07 -19.81 8.74
N ILE D 171 23.41 -20.05 7.48
CA ILE D 171 22.37 -20.17 6.45
C ILE D 171 22.07 -21.63 6.16
N PRO D 172 20.88 -22.09 6.54
CA PRO D 172 20.61 -23.53 6.58
C PRO D 172 20.38 -24.18 5.21
N GLU D 173 20.98 -25.35 4.99
CA GLU D 173 20.74 -26.12 3.77
C GLU D 173 19.57 -27.04 4.04
N ALA D 174 18.71 -27.23 3.05
CA ALA D 174 17.61 -28.17 3.20
C ALA D 174 18.14 -29.59 3.13
N ARG D 175 17.33 -30.53 3.61
CA ARG D 175 17.61 -31.94 3.47
C ARG D 175 16.39 -32.57 2.83
N ILE D 176 16.51 -32.87 1.54
CA ILE D 176 15.38 -33.35 0.78
C ILE D 176 15.10 -34.80 1.17
N PRO D 177 13.86 -35.27 0.96
CA PRO D 177 13.50 -36.66 1.28
C PRO D 177 14.35 -37.72 0.56
N LYS D 178 14.28 -38.96 1.04
CA LYS D 178 15.16 -40.04 0.58
C LYS D 178 15.03 -40.41 -0.90
N VAL D 179 14.25 -41.46 -1.17
CA VAL D 179 14.09 -41.99 -2.51
C VAL D 179 13.07 -41.18 -3.34
N GLY D 180 12.24 -41.87 -4.11
CA GLY D 180 11.22 -41.20 -4.90
C GLY D 180 9.82 -41.46 -4.39
N ALA D 181 9.61 -42.61 -3.74
CA ALA D 181 8.27 -43.02 -3.33
C ALA D 181 8.02 -42.93 -1.83
N ARG D 182 6.97 -42.21 -1.47
CA ARG D 182 6.43 -42.21 -0.11
C ARG D 182 5.07 -42.93 -0.11
N ILE D 183 4.11 -42.40 0.66
CA ILE D 183 2.76 -42.95 0.70
C ILE D 183 1.76 -41.84 1.07
N SER D 185 -2.51 -41.45 -0.43
CA SER D 185 -3.91 -41.87 -0.51
C SER D 185 -4.01 -43.28 0.06
N LEU D 186 -5.22 -43.81 0.18
CA LEU D 186 -5.37 -45.18 0.66
C LEU D 186 -6.26 -46.12 -0.17
N VAL D 187 -6.99 -46.99 0.50
CA VAL D 187 -7.80 -48.03 -0.13
C VAL D 187 -8.61 -47.53 -1.32
N ASP D 197 -5.12 -34.49 6.64
CA ASP D 197 -6.11 -35.17 5.81
C ASP D 197 -7.46 -35.29 6.51
N PRO D 198 -8.46 -34.52 6.01
CA PRO D 198 -9.85 -34.55 6.49
C PRO D 198 -10.51 -35.92 6.36
N ASN D 199 -10.07 -36.73 5.39
CA ASN D 199 -10.53 -38.11 5.23
C ASN D 199 -10.02 -38.93 6.38
N PRO D 200 -10.86 -39.17 7.38
CA PRO D 200 -10.44 -39.78 8.66
C PRO D 200 -9.67 -41.07 8.42
N LYS D 201 -10.16 -41.91 7.53
CA LYS D 201 -9.38 -43.05 7.11
C LYS D 201 -8.84 -42.86 5.71
N ALA D 202 -7.72 -42.16 5.65
CA ALA D 202 -6.89 -42.05 4.45
C ALA D 202 -5.44 -42.18 4.92
N TYR D 203 -5.28 -42.48 6.21
CA TYR D 203 -3.97 -42.70 6.84
C TYR D 203 -4.05 -43.62 8.06
N ILE D 204 -2.90 -43.94 8.64
CA ILE D 204 -2.85 -44.77 9.84
C ILE D 204 -1.93 -44.21 10.93
N THR D 205 -2.50 -44.00 12.11
CA THR D 205 -1.78 -43.55 13.28
C THR D 205 -0.83 -44.63 13.77
N LEU D 206 0.22 -44.24 14.49
CA LEU D 206 1.13 -45.20 15.12
C LEU D 206 0.49 -45.76 16.38
N LEU D 207 -0.58 -45.13 16.85
CA LEU D 207 -1.22 -45.53 18.10
C LEU D 207 -2.35 -46.54 17.88
N ASP D 208 -2.88 -46.55 16.65
CA ASP D 208 -4.02 -47.40 16.29
C ASP D 208 -4.04 -48.79 16.92
N ASP D 209 -5.22 -49.37 17.00
CA ASP D 209 -5.37 -50.70 17.57
C ASP D 209 -5.60 -51.73 16.48
N ALA D 210 -5.25 -52.98 16.78
CA ALA D 210 -5.33 -54.09 15.83
C ALA D 210 -6.54 -54.04 14.91
N LYS D 211 -7.65 -53.52 15.41
CA LYS D 211 -8.86 -53.42 14.60
C LYS D 211 -8.58 -52.61 13.35
N THR D 212 -7.97 -51.44 13.53
CA THR D 212 -7.74 -50.51 12.42
C THR D 212 -6.51 -50.89 11.60
N ILE D 213 -5.55 -51.54 12.25
CA ILE D 213 -4.39 -52.11 11.56
C ILE D 213 -4.86 -53.19 10.60
N GLU D 214 -6.12 -53.57 10.74
CA GLU D 214 -6.74 -54.53 9.85
C GLU D 214 -7.94 -53.87 9.15
N LYS D 215 -7.80 -52.59 8.86
CA LYS D 215 -8.74 -51.85 8.02
C LYS D 215 -8.01 -51.18 6.85
N SER D 239 -1.58 -51.63 -4.65
CA SER D 239 -0.26 -51.76 -5.27
C SER D 239 0.82 -51.17 -4.36
N ASN D 240 0.80 -49.85 -4.20
CA ASN D 240 1.70 -49.12 -3.30
C ASN D 240 1.73 -49.69 -1.87
N LEU D 241 2.14 -50.94 -1.71
CA LEU D 241 1.97 -51.57 -0.41
C LEU D 241 3.09 -52.49 0.09
N LEU D 242 3.76 -53.23 -0.82
CA LEU D 242 4.86 -54.08 -0.36
C LEU D 242 5.99 -53.17 0.13
N ASN D 243 6.05 -51.96 -0.44
CA ASN D 243 7.01 -50.95 0.01
C ASN D 243 6.97 -50.88 1.52
N ILE D 244 5.77 -50.63 2.03
CA ILE D 244 5.49 -50.65 3.46
C ILE D 244 5.98 -51.95 4.09
N TYR D 245 5.69 -53.06 3.42
CA TYR D 245 5.95 -54.40 3.94
C TYR D 245 7.46 -54.72 4.03
N SER D 246 8.23 -54.26 3.04
CA SER D 246 9.68 -54.52 3.02
C SER D 246 10.41 -53.66 4.05
N THR D 247 10.03 -52.38 4.12
CA THR D 247 10.68 -51.43 5.04
C THR D 247 10.42 -51.74 6.51
N LEU D 248 9.16 -51.96 6.85
CA LEU D 248 8.77 -52.28 8.23
C LEU D 248 9.27 -53.65 8.70
N SER D 249 9.47 -54.56 7.74
CA SER D 249 9.81 -55.96 8.01
C SER D 249 11.12 -56.15 8.76
N VAL D 276 3.27 -56.83 8.73
CA VAL D 276 2.03 -56.05 8.67
C VAL D 276 1.87 -55.18 9.94
N ILE D 277 1.54 -55.82 11.05
CA ILE D 277 1.04 -55.13 12.24
C ILE D 277 2.14 -54.82 13.24
N GLU D 278 2.79 -55.90 13.68
CA GLU D 278 3.69 -55.95 14.83
C GLU D 278 4.48 -54.69 15.18
N THR D 279 4.87 -53.91 14.18
CA THR D 279 5.80 -52.79 14.39
C THR D 279 5.40 -51.84 15.53
N LEU D 280 4.13 -51.47 15.60
CA LEU D 280 3.64 -50.51 16.61
C LEU D 280 3.73 -50.98 18.06
N ARG D 281 3.53 -52.28 18.29
CA ARG D 281 3.37 -52.82 19.64
C ARG D 281 4.49 -52.48 20.63
N PRO D 282 5.75 -52.58 20.21
CA PRO D 282 6.82 -52.21 21.14
C PRO D 282 6.90 -50.68 21.31
N ILE D 283 6.30 -49.95 20.37
CA ILE D 283 6.28 -48.51 20.44
C ILE D 283 5.18 -48.06 21.39
N GLN D 284 3.98 -48.59 21.19
CA GLN D 284 2.83 -48.28 22.05
C GLN D 284 3.05 -48.68 23.51
N GLU D 285 3.71 -49.81 23.74
CA GLU D 285 4.05 -50.20 25.10
C GLU D 285 4.99 -49.17 25.73
N ARG D 286 6.04 -48.79 25.00
CA ARG D 286 6.97 -47.78 25.51
C ARG D 286 6.26 -46.43 25.60
N TYR D 287 5.41 -46.14 24.60
CA TYR D 287 4.56 -44.96 24.63
C TYR D 287 3.77 -44.84 25.93
N HIS D 288 3.00 -45.86 26.24
CA HIS D 288 2.11 -45.78 27.39
C HIS D 288 2.89 -45.67 28.68
N HIS D 289 4.09 -46.23 28.71
CA HIS D 289 4.90 -46.15 29.91
C HIS D 289 5.35 -44.73 30.20
N TRP D 290 5.77 -44.03 29.15
CA TRP D 290 6.14 -42.62 29.30
C TRP D 290 5.00 -41.82 29.88
N GLU D 292 2.63 -42.34 31.61
CA GLU D 292 2.30 -42.62 33.00
C GLU D 292 3.48 -42.37 33.92
N SER D 293 4.48 -41.65 33.41
CA SER D 293 5.70 -41.45 34.20
C SER D 293 6.07 -39.99 34.48
N GLU D 294 6.57 -39.75 35.70
CA GLU D 294 7.11 -38.47 36.07
C GLU D 294 8.22 -38.09 35.10
N GLU D 295 8.94 -39.10 34.63
CA GLU D 295 10.13 -38.91 33.79
C GLU D 295 9.89 -38.02 32.57
N LEU D 296 8.70 -38.14 31.97
CA LEU D 296 8.35 -37.35 30.80
C LEU D 296 8.54 -35.86 31.09
N ASP D 297 8.03 -35.40 32.23
CA ASP D 297 8.27 -34.01 32.63
C ASP D 297 9.75 -33.75 32.97
N ARG D 298 10.46 -34.75 33.48
CA ARG D 298 11.87 -34.53 33.81
C ARG D 298 12.70 -34.33 32.55
N VAL D 299 12.27 -34.94 31.46
CA VAL D 299 13.00 -34.86 30.21
C VAL D 299 12.71 -33.53 29.51
N LEU D 300 11.44 -33.22 29.34
CA LEU D 300 11.04 -31.96 28.73
C LEU D 300 11.62 -30.73 29.45
N ASP D 301 11.82 -30.83 30.75
CA ASP D 301 12.50 -29.75 31.45
C ASP D 301 13.95 -29.66 30.98
N GLU D 302 14.69 -30.76 31.10
CA GLU D 302 16.08 -30.79 30.63
C GLU D 302 16.17 -30.29 29.19
N GLY D 303 15.12 -30.58 28.43
CA GLY D 303 15.03 -30.11 27.05
C GLY D 303 14.96 -28.60 27.02
N ALA D 304 14.11 -28.03 27.85
CA ALA D 304 13.99 -26.59 27.89
C ALA D 304 15.26 -25.89 28.41
N GLU D 305 15.92 -26.44 29.42
CA GLU D 305 17.11 -25.77 29.95
C GLU D 305 18.25 -25.85 28.96
N LYS D 306 18.32 -26.96 28.23
CA LYS D 306 19.31 -27.10 27.16
C LYS D 306 19.02 -26.05 26.09
N ALA D 307 17.75 -26.02 25.63
CA ALA D 307 17.33 -25.10 24.57
C ALA D 307 17.54 -23.66 24.98
N ASN D 308 17.00 -23.27 26.13
CA ASN D 308 17.18 -21.91 26.64
C ASN D 308 18.62 -21.41 26.73
N ARG D 309 19.55 -22.29 27.07
CA ARG D 309 20.93 -21.84 27.19
C ARG D 309 21.44 -21.30 25.84
N VAL D 310 21.13 -22.03 24.77
CA VAL D 310 21.46 -21.61 23.41
C VAL D 310 20.63 -20.42 22.91
N ALA D 311 19.34 -20.64 22.73
CA ALA D 311 18.42 -19.65 22.17
C ALA D 311 18.61 -18.29 22.80
N SER D 312 18.65 -18.26 24.13
CA SER D 312 18.69 -17.00 24.85
C SER D 312 20.01 -16.28 24.66
N GLU D 313 21.10 -17.03 24.51
CA GLU D 313 22.39 -16.42 24.19
C GLU D 313 22.33 -15.84 22.77
N VAL D 315 19.74 -14.66 21.43
CA VAL D 315 18.91 -13.48 21.52
C VAL D 315 19.75 -12.30 21.99
N ARG D 316 20.74 -12.58 22.83
CA ARG D 316 21.63 -11.54 23.30
C ARG D 316 22.42 -10.95 22.11
N LYS D 317 23.10 -11.80 21.35
CA LYS D 317 23.81 -11.32 20.15
C LYS D 317 22.90 -10.50 19.24
N GLU D 319 20.14 -8.85 19.86
CA GLU D 319 19.84 -7.57 20.51
C GLU D 319 21.07 -6.70 20.50
N GLN D 320 22.23 -7.33 20.63
CA GLN D 320 23.49 -6.64 20.42
C GLN D 320 23.57 -6.07 19.01
N ALA D 321 23.34 -6.92 18.01
CA ALA D 321 23.41 -6.49 16.62
C ALA D 321 22.53 -5.27 16.37
N GLY D 323 21.24 -2.94 18.66
CA GLY D 323 21.20 -1.87 19.64
C GLY D 323 20.16 -1.96 20.76
N LEU D 324 19.23 -2.89 20.67
CA LEU D 324 18.22 -3.14 21.72
C LEU D 324 18.80 -3.33 23.14
N GLY D 325 18.06 -2.81 24.13
CA GLY D 325 18.41 -3.00 25.52
C GLY D 325 19.70 -2.34 25.94
N ARG D 326 20.51 -3.04 26.72
CA ARG D 326 21.82 -2.56 27.10
C ARG D 326 22.84 -3.71 27.15
N ARG D 327 23.73 -3.64 28.15
CA ARG D 327 24.89 -4.52 28.25
C ARG D 327 25.80 -4.34 27.04
#